data_9FVR
#
_entry.id   9FVR
#
_cell.length_a   70.792
_cell.length_b   73.832
_cell.length_c   138.046
_cell.angle_alpha   90
_cell.angle_beta   90
_cell.angle_gamma   90
#
_symmetry.space_group_name_H-M   'P 21 21 21'
#
loop_
_entity.id
_entity.type
_entity.pdbx_description
1 polymer 'Transcriptional repressor NrdR'
2 non-polymer "ADENOSINE-5'-TRIPHOSPHATE"
3 non-polymer "2'-DEOXYADENOSINE 5'-TRIPHOSPHATE"
4 non-polymer 'ZINC ION'
5 water water
#
_entity_poly.entity_id   1
_entity_poly.type   'polypeptide(L)'
_entity_poly.pdbx_seq_one_letter_code
;(MSE)HCPFCFAVDTKVIDSRLVGEGSSVRRRRQCLVCNERFTTFEVAELV(MSE)PRVVKSNDVREPFNEEKLRSG
(MSE)LRALEKRPVSSDDVE(MSE)AINHIKSQLRATGEREVPSK(MSE)IGNLV(MSE)EQLKKLDKVAYIRFASVYRS
FEDIKDFGEEIARLEDHHHHHH
;
_entity_poly.pdbx_strand_id   A,B,C,D
#
loop_
_chem_comp.id
_chem_comp.type
_chem_comp.name
_chem_comp.formula
ATP non-polymer ADENOSINE-5'-TRIPHOSPHATE 'C10 H16 N5 O13 P3'
DTP non-polymer '2'-DEOXYADENOSINE 5'-TRIPHOSPHATE' 'C10 H16 N5 O12 P3'
ZN non-polymer 'ZINC ION' 'Zn 2'
#
# COMPACT_ATOMS: atom_id res chain seq x y z
N MSE A 1 -13.66 36.08 18.59
CA MSE A 1 -12.35 36.71 18.68
C MSE A 1 -11.60 36.56 17.34
O MSE A 1 -10.52 35.98 17.31
CB MSE A 1 -11.55 36.08 19.84
CG MSE A 1 -10.56 37.04 20.48
SE MSE A 1 -9.02 36.15 21.33
CE MSE A 1 -8.14 35.43 19.69
N HIS A 2 -12.18 37.10 16.23
CA HIS A 2 -11.55 36.91 14.92
C HIS A 2 -10.25 37.74 14.73
N CYS A 3 -10.02 38.82 15.51
CA CYS A 3 -8.78 39.59 15.31
C CYS A 3 -7.51 38.83 15.69
N PRO A 4 -6.57 38.71 14.74
CA PRO A 4 -5.33 37.97 15.02
C PRO A 4 -4.18 38.81 15.58
N PHE A 5 -4.31 40.14 15.55
CA PHE A 5 -3.25 41.03 16.01
C PHE A 5 -3.44 41.45 17.46
N CYS A 6 -4.59 42.09 17.79
CA CYS A 6 -4.86 42.52 19.16
C CYS A 6 -5.76 41.55 19.95
N PHE A 7 -6.33 40.55 19.26
CA PHE A 7 -7.20 39.52 19.85
C PHE A 7 -8.54 40.08 20.36
N ALA A 8 -9.19 40.89 19.52
CA ALA A 8 -10.50 41.45 19.83
C ALA A 8 -11.58 40.56 19.20
N VAL A 9 -12.66 40.28 19.96
CA VAL A 9 -13.74 39.38 19.52
C VAL A 9 -14.49 39.88 18.27
N ASP A 10 -15.01 41.10 18.28
CA ASP A 10 -15.78 41.61 17.16
C ASP A 10 -14.89 42.18 16.05
N THR A 11 -15.07 41.65 14.84
CA THR A 11 -14.31 42.09 13.68
C THR A 11 -15.29 42.52 12.59
N LYS A 12 -15.32 43.82 12.27
CA LYS A 12 -16.21 44.37 11.25
C LYS A 12 -15.79 43.92 9.84
N VAL A 13 -16.75 43.71 8.93
CA VAL A 13 -16.43 43.29 7.56
C VAL A 13 -16.65 44.46 6.62
N ILE A 14 -15.73 44.66 5.67
CA ILE A 14 -15.84 45.76 4.71
C ILE A 14 -16.17 45.25 3.31
N ASP A 15 -15.41 44.27 2.80
CA ASP A 15 -15.63 43.78 1.44
C ASP A 15 -16.02 42.30 1.37
N SER A 16 -16.55 41.86 0.21
CA SER A 16 -16.99 40.49 0.00
C SER A 16 -16.91 40.07 -1.48
N ARG A 17 -15.70 39.85 -2.01
CA ARG A 17 -15.51 39.41 -3.39
C ARG A 17 -15.67 37.86 -3.54
N LEU A 18 -15.42 37.27 -4.74
CA LEU A 18 -15.52 35.82 -4.94
C LEU A 18 -14.36 35.17 -5.75
N VAL A 19 -13.93 33.96 -5.36
CA VAL A 19 -12.83 33.25 -6.02
C VAL A 19 -13.26 32.61 -7.35
N GLY A 20 -13.10 33.40 -8.41
CA GLY A 20 -13.39 33.00 -9.79
C GLY A 20 -14.81 32.52 -10.02
N GLU A 21 -14.98 31.19 -10.00
CA GLU A 21 -16.29 30.56 -10.21
C GLU A 21 -17.07 30.41 -8.89
N GLY A 22 -17.15 31.49 -8.11
CA GLY A 22 -17.86 31.52 -6.84
C GLY A 22 -17.46 30.42 -5.86
N SER A 23 -16.30 29.80 -6.05
CA SER A 23 -15.86 28.71 -5.20
C SER A 23 -15.47 29.15 -3.78
N SER A 24 -15.19 30.44 -3.59
CA SER A 24 -14.78 30.97 -2.27
C SER A 24 -15.19 32.43 -2.07
N VAL A 25 -15.27 32.86 -0.81
CA VAL A 25 -15.65 34.23 -0.49
C VAL A 25 -14.49 35.00 0.12
N ARG A 26 -13.96 35.94 -0.66
CA ARG A 26 -12.88 36.78 -0.18
C ARG A 26 -13.50 37.90 0.65
N ARG A 27 -13.00 38.15 1.86
CA ARG A 27 -13.51 39.25 2.68
C ARG A 27 -12.38 40.17 3.12
N ARG A 28 -12.71 41.42 3.46
CA ARG A 28 -11.72 42.36 3.96
C ARG A 28 -12.18 42.84 5.31
N ARG A 29 -11.71 42.17 6.36
CA ARG A 29 -12.09 42.46 7.73
C ARG A 29 -11.27 43.57 8.37
N GLN A 30 -11.82 44.24 9.40
CA GLN A 30 -11.11 45.30 10.08
C GLN A 30 -11.42 45.27 11.54
N CYS A 31 -10.39 45.30 12.38
CA CYS A 31 -10.60 45.28 13.82
C CYS A 31 -11.11 46.61 14.33
N LEU A 32 -11.89 46.58 15.40
CA LEU A 32 -12.46 47.79 15.97
C LEU A 32 -11.50 48.51 16.92
N VAL A 33 -10.58 47.76 17.55
CA VAL A 33 -9.66 48.36 18.52
C VAL A 33 -8.31 48.72 17.85
N CYS A 34 -7.63 47.77 17.18
CA CYS A 34 -6.36 48.06 16.53
C CYS A 34 -6.51 48.70 15.13
N ASN A 35 -7.73 48.70 14.57
CA ASN A 35 -8.12 49.29 13.28
C ASN A 35 -7.37 48.74 12.06
N GLU A 36 -6.99 47.45 12.11
CA GLU A 36 -6.24 46.82 11.02
C GLU A 36 -7.11 46.11 10.01
N ARG A 37 -6.75 46.19 8.73
CA ARG A 37 -7.51 45.52 7.68
C ARG A 37 -6.80 44.28 7.13
N PHE A 38 -7.41 43.11 7.30
CA PHE A 38 -6.85 41.86 6.80
C PHE A 38 -7.79 41.17 5.81
N THR A 39 -7.30 40.11 5.13
CA THR A 39 -8.10 39.37 4.15
C THR A 39 -8.56 38.03 4.69
N THR A 40 -9.75 37.59 4.29
CA THR A 40 -10.37 36.35 4.73
C THR A 40 -10.74 35.46 3.53
N PHE A 41 -10.66 34.12 3.68
CA PHE A 41 -11.01 33.21 2.60
C PHE A 41 -11.88 32.04 3.05
N GLU A 42 -13.18 32.15 2.82
CA GLU A 42 -14.14 31.12 3.19
C GLU A 42 -14.26 30.11 2.05
N VAL A 43 -13.71 28.90 2.23
CA VAL A 43 -13.77 27.88 1.18
C VAL A 43 -14.48 26.62 1.66
N ALA A 44 -15.11 25.88 0.75
CA ALA A 44 -15.82 24.66 1.08
C ALA A 44 -14.90 23.50 1.42
N GLU A 45 -15.12 22.86 2.58
CA GLU A 45 -14.30 21.73 3.00
C GLU A 45 -14.74 20.47 2.26
N LEU A 46 -14.13 20.25 1.10
CA LEU A 46 -14.45 19.10 0.28
C LEU A 46 -13.45 17.96 0.44
N VAL A 47 -12.22 18.25 0.93
CA VAL A 47 -11.22 17.21 1.20
C VAL A 47 -11.73 16.30 2.31
N MSE A 48 -11.50 15.01 2.11
CA MSE A 48 -11.97 13.91 2.92
C MSE A 48 -11.05 13.62 4.09
O MSE A 48 -9.84 13.81 3.98
CB MSE A 48 -12.05 12.71 1.99
CG MSE A 48 -13.15 12.85 0.96
SE MSE A 48 -14.89 12.71 1.82
CE MSE A 48 -14.61 11.04 2.67
N PRO A 49 -11.60 13.19 5.25
CA PRO A 49 -10.73 12.91 6.39
C PRO A 49 -9.74 11.77 6.18
N ARG A 50 -8.69 11.72 6.99
CA ARG A 50 -7.70 10.65 6.91
C ARG A 50 -8.31 9.35 7.48
N VAL A 51 -7.81 8.19 7.05
CA VAL A 51 -8.30 6.90 7.49
C VAL A 51 -7.40 6.32 8.55
N VAL A 52 -7.97 6.06 9.73
CA VAL A 52 -7.19 5.47 10.83
C VAL A 52 -7.30 3.95 10.70
N LYS A 53 -6.34 3.33 9.97
CA LYS A 53 -6.27 1.89 9.69
C LYS A 53 -6.32 0.99 10.92
N SER A 54 -6.59 -0.32 10.73
CA SER A 54 -6.69 -1.33 11.79
C SER A 54 -5.48 -1.36 12.71
N ASN A 55 -4.32 -0.92 12.21
CA ASN A 55 -3.08 -0.86 12.98
C ASN A 55 -2.77 0.57 13.45
N ASP A 56 -3.81 1.40 13.67
CA ASP A 56 -3.75 2.80 14.12
C ASP A 56 -2.88 3.71 13.26
N VAL A 57 -2.44 3.26 12.07
CA VAL A 57 -1.65 4.11 11.19
C VAL A 57 -2.60 4.99 10.35
N ARG A 58 -2.32 6.30 10.24
CA ARG A 58 -3.16 7.16 9.43
C ARG A 58 -2.78 7.07 7.98
N GLU A 59 -3.78 7.18 7.13
CA GLU A 59 -3.63 7.03 5.69
C GLU A 59 -4.54 8.02 4.97
N PRO A 60 -4.15 8.60 3.82
CA PRO A 60 -5.09 9.49 3.10
C PRO A 60 -6.30 8.71 2.59
N PHE A 61 -7.47 9.35 2.50
CA PHE A 61 -8.67 8.67 2.00
C PHE A 61 -8.47 8.28 0.52
N ASN A 62 -8.56 6.99 0.18
CA ASN A 62 -8.37 6.57 -1.21
C ASN A 62 -9.63 5.96 -1.74
N GLU A 63 -10.36 6.72 -2.55
CA GLU A 63 -11.62 6.28 -3.11
C GLU A 63 -11.54 4.95 -3.86
N GLU A 64 -10.42 4.70 -4.56
CA GLU A 64 -10.23 3.44 -5.31
C GLU A 64 -10.22 2.25 -4.36
N LYS A 65 -9.64 2.39 -3.17
CA LYS A 65 -9.58 1.32 -2.18
C LYS A 65 -10.98 0.96 -1.74
N LEU A 66 -11.80 1.97 -1.45
CA LEU A 66 -13.19 1.85 -1.02
C LEU A 66 -14.04 1.18 -2.09
N ARG A 67 -13.95 1.70 -3.35
CA ARG A 67 -14.70 1.22 -4.50
C ARG A 67 -14.34 -0.21 -4.91
N SER A 68 -13.04 -0.54 -4.90
CA SER A 68 -12.56 -1.86 -5.28
C SER A 68 -13.13 -2.94 -4.38
N GLY A 69 -13.20 -2.66 -3.10
CA GLY A 69 -13.76 -3.60 -2.14
C GLY A 69 -15.22 -3.91 -2.44
N MSE A 70 -15.97 -2.88 -2.78
CA MSE A 70 -17.37 -3.02 -3.14
C MSE A 70 -17.53 -3.79 -4.42
O MSE A 70 -18.37 -4.66 -4.48
CB MSE A 70 -18.02 -1.66 -3.32
CG MSE A 70 -17.93 -0.80 -2.10
SE MSE A 70 -19.25 0.57 -2.30
CE MSE A 70 -18.51 1.77 -1.12
N LEU A 71 -16.73 -3.48 -5.44
CA LEU A 71 -16.83 -4.16 -6.73
C LEU A 71 -16.46 -5.63 -6.66
N ARG A 72 -15.58 -6.02 -5.71
CA ARG A 72 -15.20 -7.42 -5.52
C ARG A 72 -16.37 -8.18 -4.93
N ALA A 73 -17.11 -7.57 -3.98
CA ALA A 73 -18.28 -8.16 -3.35
C ALA A 73 -19.48 -8.18 -4.32
N LEU A 74 -19.61 -7.14 -5.15
CA LEU A 74 -20.71 -7.02 -6.13
C LEU A 74 -20.40 -7.71 -7.46
N GLU A 75 -19.53 -8.73 -7.45
CA GLU A 75 -19.18 -9.44 -8.68
C GLU A 75 -20.39 -10.20 -9.18
N LYS A 76 -20.67 -10.09 -10.50
CA LYS A 76 -21.80 -10.76 -11.18
C LYS A 76 -23.18 -10.38 -10.60
N ARG A 77 -23.28 -9.26 -9.88
CA ARG A 77 -24.55 -8.85 -9.28
C ARG A 77 -25.27 -7.82 -10.14
N PRO A 78 -26.61 -7.89 -10.24
CA PRO A 78 -27.33 -6.91 -11.07
C PRO A 78 -27.57 -5.58 -10.38
N VAL A 79 -26.49 -4.93 -9.93
CA VAL A 79 -26.51 -3.63 -9.30
C VAL A 79 -25.76 -2.69 -10.24
N SER A 80 -26.47 -1.72 -10.83
CA SER A 80 -25.89 -0.79 -11.79
C SER A 80 -24.79 0.10 -11.20
N SER A 81 -23.90 0.61 -12.04
CA SER A 81 -22.82 1.49 -11.57
C SER A 81 -23.32 2.85 -11.09
N ASP A 82 -24.52 3.28 -11.50
CA ASP A 82 -25.07 4.54 -11.01
C ASP A 82 -25.48 4.37 -9.54
N ASP A 83 -26.00 3.18 -9.15
CA ASP A 83 -26.35 2.87 -7.75
C ASP A 83 -25.09 2.74 -6.90
N VAL A 84 -24.00 2.23 -7.47
CA VAL A 84 -22.73 2.06 -6.79
C VAL A 84 -22.14 3.43 -6.50
N GLU A 85 -22.14 4.32 -7.51
CA GLU A 85 -21.62 5.68 -7.32
C GLU A 85 -22.47 6.49 -6.36
N MSE A 86 -23.78 6.21 -6.29
CA MSE A 86 -24.69 6.87 -5.36
C MSE A 86 -24.34 6.42 -3.92
O MSE A 86 -24.31 7.25 -3.01
CB MSE A 86 -26.13 6.47 -5.69
CG MSE A 86 -27.10 7.62 -5.59
SE MSE A 86 -28.56 7.40 -6.85
CE MSE A 86 -27.56 7.76 -8.54
N ALA A 87 -24.06 5.11 -3.73
CA ALA A 87 -23.69 4.55 -2.44
C ALA A 87 -22.34 5.08 -2.00
N ILE A 88 -21.38 5.22 -2.93
CA ILE A 88 -20.06 5.77 -2.63
C ILE A 88 -20.16 7.24 -2.27
N ASN A 89 -21.03 8.00 -2.95
CA ASN A 89 -21.21 9.41 -2.64
C ASN A 89 -21.90 9.60 -1.30
N HIS A 90 -22.81 8.69 -0.93
CA HIS A 90 -23.49 8.76 0.35
C HIS A 90 -22.56 8.39 1.49
N ILE A 91 -21.62 7.45 1.27
CA ILE A 91 -20.67 7.08 2.32
C ILE A 91 -19.72 8.24 2.53
N LYS A 92 -19.21 8.86 1.45
CA LYS A 92 -18.34 10.02 1.53
C LYS A 92 -19.05 11.18 2.27
N SER A 93 -20.34 11.40 1.95
CA SER A 93 -21.19 12.42 2.57
C SER A 93 -21.27 12.21 4.08
N GLN A 94 -21.51 10.97 4.52
CA GLN A 94 -21.57 10.63 5.93
C GLN A 94 -20.22 10.75 6.64
N LEU A 95 -19.14 10.54 5.91
CA LEU A 95 -17.79 10.68 6.44
C LEU A 95 -17.51 12.17 6.67
N ARG A 96 -17.94 13.07 5.75
CA ARG A 96 -17.72 14.50 5.96
C ARG A 96 -18.63 15.02 7.07
N ALA A 97 -19.86 14.46 7.19
CA ALA A 97 -20.85 14.78 8.22
C ALA A 97 -20.35 14.66 9.66
N THR A 98 -19.33 13.81 9.90
CA THR A 98 -18.74 13.66 11.24
C THR A 98 -18.04 14.95 11.69
N GLY A 99 -17.48 15.70 10.73
CA GLY A 99 -16.74 16.93 10.98
C GLY A 99 -15.44 16.68 11.68
N GLU A 100 -14.81 15.53 11.38
CA GLU A 100 -13.55 15.12 12.02
C GLU A 100 -12.39 15.11 11.03
N ARG A 101 -11.17 15.37 11.53
CA ARG A 101 -9.96 15.37 10.70
C ARG A 101 -9.60 13.94 10.22
N GLU A 102 -10.03 12.90 10.98
CA GLU A 102 -9.81 11.51 10.59
C GLU A 102 -10.90 10.59 11.10
N VAL A 103 -11.24 9.59 10.30
CA VAL A 103 -12.25 8.58 10.63
C VAL A 103 -11.62 7.20 10.66
N PRO A 104 -12.07 6.29 11.55
CA PRO A 104 -11.47 4.95 11.55
C PRO A 104 -11.85 4.15 10.32
N SER A 105 -11.03 3.14 9.97
CA SER A 105 -11.32 2.28 8.83
C SER A 105 -12.59 1.43 9.10
N LYS A 106 -12.85 1.09 10.38
CA LYS A 106 -14.01 0.32 10.81
C LYS A 106 -15.30 1.08 10.50
N MSE A 107 -15.32 2.40 10.68
CA MSE A 107 -16.52 3.19 10.36
C MSE A 107 -16.83 3.13 8.88
O MSE A 107 -17.98 2.98 8.49
CB MSE A 107 -16.38 4.65 10.80
CG MSE A 107 -17.67 5.43 10.60
SE MSE A 107 -17.45 7.34 10.30
CE MSE A 107 -16.85 7.85 12.09
N ILE A 108 -15.79 3.21 8.03
CA ILE A 108 -15.96 3.12 6.58
C ILE A 108 -16.58 1.77 6.20
N GLY A 109 -16.08 0.69 6.81
CA GLY A 109 -16.55 -0.65 6.54
C GLY A 109 -17.99 -0.89 6.94
N ASN A 110 -18.42 -0.32 8.06
CA ASN A 110 -19.81 -0.45 8.50
C ASN A 110 -20.74 0.34 7.56
N LEU A 111 -20.28 1.51 7.07
CA LEU A 111 -21.09 2.30 6.14
C LEU A 111 -21.25 1.59 4.81
N VAL A 112 -20.25 0.80 4.38
CA VAL A 112 -20.31 0.01 3.15
C VAL A 112 -21.31 -1.14 3.36
N MSE A 113 -21.25 -1.80 4.52
CA MSE A 113 -22.18 -2.87 4.88
C MSE A 113 -23.64 -2.39 4.86
O MSE A 113 -24.54 -3.12 4.45
CB MSE A 113 -21.84 -3.38 6.30
CG MSE A 113 -20.51 -4.06 6.39
SE MSE A 113 -20.68 -5.90 5.86
CE MSE A 113 -20.96 -6.64 7.64
N GLU A 114 -23.86 -1.15 5.29
CA GLU A 114 -25.16 -0.49 5.32
C GLU A 114 -25.66 -0.31 3.88
N GLN A 115 -24.77 0.04 2.94
CA GLN A 115 -25.18 0.24 1.54
C GLN A 115 -25.37 -1.06 0.82
N LEU A 116 -24.47 -2.02 1.03
CA LEU A 116 -24.55 -3.33 0.38
C LEU A 116 -25.73 -4.16 0.83
N LYS A 117 -26.26 -3.92 2.03
CA LYS A 117 -27.46 -4.59 2.51
C LYS A 117 -28.65 -4.13 1.66
N LYS A 118 -28.69 -2.81 1.32
CA LYS A 118 -29.74 -2.21 0.49
C LYS A 118 -29.56 -2.64 -0.97
N LEU A 119 -28.32 -2.59 -1.49
CA LEU A 119 -28.00 -2.93 -2.88
C LEU A 119 -28.20 -4.42 -3.24
N ASP A 120 -27.45 -5.34 -2.61
CA ASP A 120 -27.56 -6.76 -2.91
C ASP A 120 -27.22 -7.57 -1.70
N LYS A 121 -28.14 -8.41 -1.24
CA LYS A 121 -27.94 -9.21 -0.05
C LYS A 121 -26.91 -10.35 -0.26
N VAL A 122 -26.69 -10.80 -1.51
CA VAL A 122 -25.65 -11.80 -1.78
C VAL A 122 -24.29 -11.12 -1.67
N ALA A 123 -24.16 -9.93 -2.27
CA ALA A 123 -22.96 -9.11 -2.23
C ALA A 123 -22.62 -8.68 -0.80
N TYR A 124 -23.64 -8.48 0.04
CA TYR A 124 -23.45 -8.10 1.43
C TYR A 124 -22.78 -9.24 2.18
N ILE A 125 -23.18 -10.49 1.93
CA ILE A 125 -22.58 -11.67 2.56
C ILE A 125 -21.13 -11.83 2.13
N ARG A 126 -20.85 -11.61 0.84
CA ARG A 126 -19.50 -11.71 0.30
C ARG A 126 -18.59 -10.68 0.97
N PHE A 127 -19.07 -9.44 1.15
CA PHE A 127 -18.29 -8.39 1.80
C PHE A 127 -18.07 -8.73 3.26
N ALA A 128 -19.14 -9.14 3.97
CA ALA A 128 -19.09 -9.50 5.39
C ALA A 128 -18.10 -10.61 5.68
N SER A 129 -17.97 -11.56 4.77
CA SER A 129 -17.06 -12.68 4.94
C SER A 129 -15.61 -12.28 5.02
N VAL A 130 -15.19 -11.28 4.25
CA VAL A 130 -13.80 -10.82 4.29
C VAL A 130 -13.66 -9.72 5.33
N TYR A 131 -14.62 -8.76 5.36
CA TYR A 131 -14.62 -7.64 6.29
C TYR A 131 -14.59 -8.12 7.72
N ARG A 132 -15.45 -9.10 8.05
CA ARG A 132 -15.50 -9.72 9.37
C ARG A 132 -14.72 -11.04 9.42
N SER A 133 -13.68 -11.19 8.53
CA SER A 133 -12.77 -12.33 8.30
C SER A 133 -13.27 -13.64 8.88
N PHE A 134 -14.16 -14.30 8.14
CA PHE A 134 -14.76 -15.55 8.55
C PHE A 134 -13.72 -16.63 8.66
N GLU A 135 -13.67 -17.31 9.81
CA GLU A 135 -12.72 -18.39 10.03
C GLU A 135 -13.33 -19.78 9.91
N ASP A 136 -14.66 -19.88 9.89
CA ASP A 136 -15.40 -21.14 9.75
C ASP A 136 -16.55 -20.96 8.76
N ILE A 137 -16.99 -22.05 8.12
CA ILE A 137 -18.13 -21.99 7.20
C ILE A 137 -19.44 -21.64 7.95
N LYS A 138 -19.50 -21.97 9.26
CA LYS A 138 -20.64 -21.67 10.11
C LYS A 138 -20.87 -20.16 10.24
N ASP A 139 -19.81 -19.33 10.08
CA ASP A 139 -19.91 -17.88 10.12
C ASP A 139 -20.89 -17.38 9.02
N PHE A 140 -20.94 -18.09 7.86
CA PHE A 140 -21.84 -17.74 6.76
C PHE A 140 -23.28 -17.91 7.15
N GLY A 141 -23.59 -19.03 7.79
CA GLY A 141 -24.94 -19.32 8.24
C GLY A 141 -25.43 -18.36 9.29
N GLU A 142 -24.51 -17.89 10.14
CA GLU A 142 -24.80 -16.93 11.22
C GLU A 142 -25.15 -15.57 10.66
N GLU A 143 -24.46 -15.15 9.60
CA GLU A 143 -24.74 -13.86 8.97
C GLU A 143 -26.09 -13.90 8.25
N ILE A 144 -26.45 -15.06 7.67
CA ILE A 144 -27.72 -15.26 6.98
C ILE A 144 -28.86 -15.31 7.99
N ALA A 145 -28.65 -15.99 9.12
CA ALA A 145 -29.66 -16.08 10.17
C ALA A 145 -29.95 -14.69 10.76
N ARG A 146 -28.91 -13.86 10.89
CA ARG A 146 -29.05 -12.49 11.36
C ARG A 146 -29.97 -11.70 10.40
N LEU A 147 -29.86 -11.95 9.10
CA LEU A 147 -30.62 -11.26 8.08
C LEU A 147 -32.05 -11.73 7.88
N GLU A 148 -32.32 -13.02 8.05
CA GLU A 148 -33.65 -13.58 7.81
C GLU A 148 -34.71 -13.19 8.83
N ASP A 149 -34.33 -12.57 9.96
CA ASP A 149 -35.34 -12.12 10.94
C ASP A 149 -36.15 -10.91 10.43
N HIS A 150 -35.49 -10.04 9.66
CA HIS A 150 -36.09 -8.85 9.06
C HIS A 150 -35.95 -8.90 7.55
N MSE B 1 28.05 -19.99 -24.32
CA MSE B 1 28.17 -18.68 -23.70
C MSE B 1 26.93 -18.37 -22.82
O MSE B 1 26.23 -17.38 -23.06
CB MSE B 1 28.35 -17.61 -24.79
CG MSE B 1 29.17 -16.42 -24.34
SE MSE B 1 28.72 -14.77 -25.30
CE MSE B 1 26.91 -14.41 -24.55
N HIS B 2 26.65 -19.22 -21.82
CA HIS B 2 25.46 -19.03 -21.00
C HIS B 2 25.55 -17.83 -20.04
N CYS B 3 26.76 -17.33 -19.69
CA CYS B 3 26.84 -16.19 -18.77
C CYS B 3 26.26 -14.89 -19.33
N PRO B 4 25.29 -14.30 -18.62
CA PRO B 4 24.67 -13.06 -19.11
C PRO B 4 25.33 -11.76 -18.63
N PHE B 5 26.26 -11.85 -17.67
CA PHE B 5 26.90 -10.67 -17.11
C PHE B 5 28.24 -10.38 -17.80
N CYS B 6 29.19 -11.33 -17.77
CA CYS B 6 30.50 -11.14 -18.40
C CYS B 6 30.61 -11.79 -19.80
N PHE B 7 29.59 -12.59 -20.20
CA PHE B 7 29.52 -13.28 -21.49
C PHE B 7 30.58 -14.36 -21.66
N ALA B 8 30.74 -15.21 -20.64
CA ALA B 8 31.67 -16.32 -20.67
C ALA B 8 30.91 -17.59 -21.06
N VAL B 9 31.50 -18.42 -21.93
CA VAL B 9 30.86 -19.63 -22.45
C VAL B 9 30.53 -20.67 -21.35
N ASP B 10 31.50 -21.06 -20.54
CA ASP B 10 31.29 -22.08 -19.51
C ASP B 10 30.68 -21.55 -18.21
N THR B 11 29.61 -22.20 -17.77
CA THR B 11 28.93 -21.82 -16.55
C THR B 11 28.71 -23.10 -15.72
N LYS B 12 29.39 -23.23 -14.57
CA LYS B 12 29.26 -24.42 -13.70
C LYS B 12 27.88 -24.46 -13.01
N VAL B 13 27.33 -25.66 -12.79
CA VAL B 13 26.02 -25.80 -12.15
C VAL B 13 26.19 -26.30 -10.72
N ILE B 14 25.42 -25.73 -9.78
CA ILE B 14 25.51 -26.12 -8.38
C ILE B 14 24.32 -26.98 -7.92
N ASP B 15 23.10 -26.51 -8.15
CA ASP B 15 21.92 -27.28 -7.74
C ASP B 15 20.99 -27.66 -8.90
N SER B 16 20.10 -28.63 -8.68
CA SER B 16 19.14 -29.07 -9.69
C SER B 16 17.84 -29.60 -9.05
N ARG B 17 17.01 -28.69 -8.53
CA ARG B 17 15.74 -29.04 -7.88
C ARG B 17 14.66 -29.32 -8.94
N LEU B 18 13.61 -30.05 -8.54
CA LEU B 18 12.50 -30.35 -9.44
C LEU B 18 11.27 -29.63 -8.95
N VAL B 19 11.00 -28.48 -9.54
CA VAL B 19 9.85 -27.67 -9.15
C VAL B 19 8.67 -27.88 -10.10
N GLY B 20 7.48 -27.53 -9.65
CA GLY B 20 6.26 -27.63 -10.45
C GLY B 20 5.79 -29.05 -10.68
N GLU B 21 6.00 -29.94 -9.69
CA GLU B 21 5.65 -31.37 -9.74
C GLU B 21 6.33 -32.12 -10.89
N GLY B 22 7.49 -31.64 -11.31
CA GLY B 22 8.22 -32.25 -12.41
C GLY B 22 8.06 -31.56 -13.76
N SER B 23 7.23 -30.52 -13.86
CA SER B 23 7.03 -29.82 -15.13
C SER B 23 8.24 -29.02 -15.62
N SER B 24 9.15 -28.65 -14.71
CA SER B 24 10.34 -27.88 -15.05
C SER B 24 11.52 -28.14 -14.09
N VAL B 25 12.74 -27.80 -14.51
CA VAL B 25 13.94 -27.98 -13.68
C VAL B 25 14.63 -26.66 -13.34
N ARG B 26 14.73 -26.36 -12.04
CA ARG B 26 15.43 -25.15 -11.59
C ARG B 26 16.89 -25.52 -11.28
N ARG B 27 17.84 -24.79 -11.90
CA ARG B 27 19.27 -25.05 -11.73
C ARG B 27 19.97 -23.81 -11.16
N ARG B 28 21.01 -24.01 -10.34
CA ARG B 28 21.73 -22.89 -9.75
C ARG B 28 23.14 -22.73 -10.30
N ARG B 29 23.25 -22.10 -11.48
CA ARG B 29 24.50 -21.89 -12.19
C ARG B 29 25.31 -20.70 -11.69
N GLN B 30 26.63 -20.73 -11.94
CA GLN B 30 27.58 -19.68 -11.59
C GLN B 30 28.70 -19.66 -12.64
N CYS B 31 29.08 -18.47 -13.14
CA CYS B 31 30.15 -18.39 -14.13
C CYS B 31 31.54 -18.50 -13.48
N LEU B 32 32.47 -19.19 -14.15
CA LEU B 32 33.83 -19.36 -13.63
C LEU B 32 34.65 -18.05 -13.70
N VAL B 33 34.35 -17.19 -14.69
CA VAL B 33 35.04 -15.91 -14.86
C VAL B 33 34.66 -14.96 -13.70
N CYS B 34 33.43 -14.43 -13.68
CA CYS B 34 32.99 -13.56 -12.60
C CYS B 34 32.51 -14.38 -11.38
N ASN B 35 32.24 -13.69 -10.27
CA ASN B 35 31.76 -14.34 -9.05
C ASN B 35 30.25 -14.09 -8.97
N GLU B 36 29.52 -14.39 -10.07
CA GLU B 36 28.07 -14.17 -10.14
C GLU B 36 27.27 -15.46 -10.37
N ARG B 37 26.25 -15.71 -9.53
CA ARG B 37 25.40 -16.90 -9.58
C ARG B 37 23.96 -16.52 -9.92
N PHE B 38 23.28 -17.36 -10.72
CA PHE B 38 21.92 -17.12 -11.19
C PHE B 38 21.07 -18.42 -11.29
N THR B 39 19.76 -18.28 -11.55
CA THR B 39 18.86 -19.43 -11.67
C THR B 39 18.41 -19.64 -13.13
N THR B 40 18.18 -20.90 -13.55
CA THR B 40 17.68 -21.22 -14.89
C THR B 40 16.46 -22.12 -14.83
N PHE B 41 15.58 -22.00 -15.82
CA PHE B 41 14.35 -22.77 -15.86
C PHE B 41 14.17 -23.55 -17.14
N GLU B 42 14.43 -24.86 -17.07
CA GLU B 42 14.32 -25.75 -18.21
C GLU B 42 12.89 -26.26 -18.32
N VAL B 43 12.14 -25.79 -19.31
CA VAL B 43 10.74 -26.21 -19.49
C VAL B 43 10.53 -26.90 -20.83
N ALA B 44 9.55 -27.81 -20.91
CA ALA B 44 9.26 -28.54 -22.14
C ALA B 44 8.48 -27.71 -23.15
N GLU B 45 8.85 -27.84 -24.44
CA GLU B 45 8.25 -27.13 -25.56
C GLU B 45 6.90 -27.68 -26.00
N LEU B 46 5.92 -27.56 -25.13
CA LEU B 46 4.53 -27.93 -25.39
C LEU B 46 3.62 -26.76 -24.93
N VAL B 47 2.40 -26.70 -25.47
CA VAL B 47 1.51 -25.60 -25.14
C VAL B 47 0.37 -26.02 -24.25
N MSE B 48 0.04 -25.19 -23.24
CA MSE B 48 -1.17 -25.37 -22.42
C MSE B 48 -2.36 -25.15 -23.38
O MSE B 48 -2.26 -24.30 -24.27
CB MSE B 48 -1.22 -24.33 -21.29
CG MSE B 48 -0.27 -24.63 -20.15
SE MSE B 48 -0.81 -26.23 -19.22
CE MSE B 48 -2.61 -25.74 -18.83
N PRO B 49 -3.45 -25.93 -23.25
CA PRO B 49 -4.56 -25.76 -24.17
C PRO B 49 -5.25 -24.39 -24.09
N ARG B 50 -5.97 -24.04 -25.15
CA ARG B 50 -6.70 -22.77 -25.20
C ARG B 50 -7.94 -22.89 -24.30
N VAL B 51 -8.41 -21.77 -23.77
CA VAL B 51 -9.59 -21.76 -22.90
C VAL B 51 -10.82 -21.44 -23.74
N VAL B 52 -11.90 -22.22 -23.57
CA VAL B 52 -13.14 -22.00 -24.31
C VAL B 52 -14.11 -21.29 -23.37
N LYS B 53 -13.97 -19.96 -23.28
CA LYS B 53 -14.73 -19.06 -22.41
C LYS B 53 -16.25 -19.28 -22.44
N SER B 54 -16.96 -18.75 -21.41
CA SER B 54 -18.42 -18.85 -21.27
C SER B 54 -19.18 -18.34 -22.49
N ASN B 55 -18.56 -17.45 -23.27
CA ASN B 55 -19.14 -16.91 -24.49
C ASN B 55 -18.56 -17.57 -25.75
N ASP B 56 -18.15 -18.86 -25.63
CA ASP B 56 -17.57 -19.72 -26.67
C ASP B 56 -16.34 -19.14 -27.36
N VAL B 57 -15.77 -18.04 -26.85
CA VAL B 57 -14.59 -17.44 -27.46
C VAL B 57 -13.33 -18.15 -26.94
N ARG B 58 -12.41 -18.51 -27.84
CA ARG B 58 -11.16 -19.14 -27.42
C ARG B 58 -10.15 -18.08 -26.97
N GLU B 59 -9.37 -18.40 -25.96
CA GLU B 59 -8.42 -17.47 -25.38
C GLU B 59 -7.21 -18.24 -24.87
N PRO B 60 -5.99 -17.71 -24.98
CA PRO B 60 -4.82 -18.44 -24.48
C PRO B 60 -4.90 -18.68 -22.98
N PHE B 61 -4.36 -19.81 -22.51
CA PHE B 61 -4.35 -20.11 -21.08
C PHE B 61 -3.50 -19.07 -20.32
N ASN B 62 -4.09 -18.34 -19.35
CA ASN B 62 -3.31 -17.36 -18.59
C ASN B 62 -3.29 -17.75 -17.12
N GLU B 63 -2.19 -18.35 -16.63
CA GLU B 63 -2.09 -18.79 -15.24
C GLU B 63 -2.29 -17.66 -14.22
N GLU B 64 -2.18 -16.40 -14.66
CA GLU B 64 -2.38 -15.26 -13.78
C GLU B 64 -3.87 -14.99 -13.55
N LYS B 65 -4.72 -15.22 -14.59
CA LYS B 65 -6.17 -15.10 -14.50
C LYS B 65 -6.69 -16.15 -13.51
N LEU B 66 -6.10 -17.35 -13.54
CA LEU B 66 -6.43 -18.47 -12.67
C LEU B 66 -6.05 -18.18 -11.21
N ARG B 67 -4.80 -17.69 -11.02
CA ARG B 67 -4.19 -17.34 -9.74
C ARG B 67 -4.96 -16.22 -9.04
N SER B 68 -5.28 -15.12 -9.75
CA SER B 68 -6.00 -13.96 -9.21
C SER B 68 -7.35 -14.30 -8.63
N GLY B 69 -8.05 -15.21 -9.30
CA GLY B 69 -9.34 -15.70 -8.82
C GLY B 69 -9.20 -16.41 -7.49
N MSE B 70 -8.20 -17.29 -7.39
CA MSE B 70 -7.92 -18.00 -6.17
C MSE B 70 -7.53 -17.05 -5.05
O MSE B 70 -8.08 -17.16 -3.96
CB MSE B 70 -6.79 -19.02 -6.38
CG MSE B 70 -7.09 -20.01 -7.48
SE MSE B 70 -5.79 -21.44 -7.52
CE MSE B 70 -6.25 -22.34 -5.83
N LEU B 71 -6.67 -16.08 -5.32
CA LEU B 71 -6.24 -15.14 -4.30
C LEU B 71 -7.37 -14.25 -3.79
N ARG B 72 -8.39 -13.98 -4.62
CA ARG B 72 -9.54 -13.18 -4.20
C ARG B 72 -10.41 -13.99 -3.24
N ALA B 73 -10.58 -15.28 -3.51
CA ALA B 73 -11.33 -16.20 -2.64
C ALA B 73 -10.54 -16.49 -1.33
N LEU B 74 -9.21 -16.50 -1.39
CA LEU B 74 -8.38 -16.73 -0.23
C LEU B 74 -8.00 -15.45 0.54
N GLU B 75 -8.66 -14.31 0.25
CA GLU B 75 -8.38 -12.96 0.77
C GLU B 75 -7.70 -12.87 2.16
N LYS B 76 -8.34 -13.35 3.22
CA LYS B 76 -7.72 -13.31 4.55
C LYS B 76 -7.57 -14.72 5.12
N ARG B 77 -7.28 -15.70 4.25
CA ARG B 77 -7.15 -17.07 4.67
C ARG B 77 -5.73 -17.49 4.89
N PRO B 78 -5.48 -18.36 5.90
CA PRO B 78 -4.11 -18.77 6.17
C PRO B 78 -3.62 -19.95 5.31
N VAL B 79 -3.61 -19.73 3.99
CA VAL B 79 -3.14 -20.72 3.04
C VAL B 79 -1.87 -20.14 2.40
N SER B 80 -0.72 -20.78 2.62
CA SER B 80 0.56 -20.28 2.11
C SER B 80 0.64 -20.23 0.59
N SER B 81 1.51 -19.38 0.05
CA SER B 81 1.67 -19.26 -1.40
C SER B 81 2.31 -20.49 -2.04
N ASP B 82 3.04 -21.31 -1.25
CA ASP B 82 3.61 -22.54 -1.78
C ASP B 82 2.48 -23.57 -2.03
N ASP B 83 1.45 -23.59 -1.17
CA ASP B 83 0.30 -24.47 -1.35
C ASP B 83 -0.54 -24.02 -2.55
N VAL B 84 -0.61 -22.71 -2.79
CA VAL B 84 -1.34 -22.13 -3.90
C VAL B 84 -0.64 -22.49 -5.19
N GLU B 85 0.69 -22.35 -5.25
CA GLU B 85 1.45 -22.70 -6.44
C GLU B 85 1.42 -24.19 -6.72
N MSE B 86 1.32 -25.02 -5.67
CA MSE B 86 1.21 -26.47 -5.80
C MSE B 86 -0.15 -26.82 -6.44
O MSE B 86 -0.23 -27.68 -7.32
CB MSE B 86 1.32 -27.11 -4.42
CG MSE B 86 2.17 -28.36 -4.39
SE MSE B 86 3.06 -28.54 -2.66
CE MSE B 86 4.42 -27.11 -2.85
N ALA B 87 -1.22 -26.13 -5.99
CA ALA B 87 -2.58 -26.33 -6.51
C ALA B 87 -2.65 -25.88 -7.96
N ILE B 88 -2.01 -24.76 -8.30
CA ILE B 88 -1.98 -24.24 -9.67
C ILE B 88 -1.20 -25.19 -10.58
N ASN B 89 -0.10 -25.76 -10.08
CA ASN B 89 0.68 -26.72 -10.88
C ASN B 89 -0.09 -28.01 -11.10
N HIS B 90 -0.88 -28.44 -10.12
CA HIS B 90 -1.68 -29.63 -10.25
C HIS B 90 -2.85 -29.43 -11.20
N ILE B 91 -3.44 -28.23 -11.22
CA ILE B 91 -4.54 -27.97 -12.14
C ILE B 91 -4.00 -27.91 -13.57
N LYS B 92 -2.84 -27.25 -13.79
CA LYS B 92 -2.19 -27.22 -15.09
C LYS B 92 -1.84 -28.64 -15.57
N SER B 93 -1.34 -29.48 -14.66
CA SER B 93 -1.00 -30.87 -14.92
C SER B 93 -2.21 -31.64 -15.42
N GLN B 94 -3.35 -31.47 -14.75
CA GLN B 94 -4.60 -32.13 -15.14
C GLN B 94 -5.16 -31.60 -16.46
N LEU B 95 -4.90 -30.33 -16.77
CA LEU B 95 -5.33 -29.73 -18.01
C LEU B 95 -4.49 -30.30 -19.17
N ARG B 96 -3.18 -30.50 -18.95
CA ARG B 96 -2.27 -31.10 -19.93
C ARG B 96 -2.74 -32.54 -20.19
N ALA B 97 -3.03 -33.29 -19.09
CA ALA B 97 -3.46 -34.69 -19.05
C ALA B 97 -4.64 -35.04 -19.99
N THR B 98 -5.50 -34.06 -20.31
CA THR B 98 -6.62 -34.30 -21.21
C THR B 98 -6.14 -34.61 -22.63
N GLY B 99 -5.03 -33.99 -23.03
CA GLY B 99 -4.45 -34.14 -24.37
C GLY B 99 -5.33 -33.49 -25.43
N GLU B 100 -6.01 -32.38 -25.05
CA GLU B 100 -6.91 -31.66 -25.94
C GLU B 100 -6.37 -30.32 -26.35
N ARG B 101 -6.74 -29.89 -27.56
CA ARG B 101 -6.34 -28.60 -28.16
C ARG B 101 -6.82 -27.44 -27.29
N GLU B 102 -8.02 -27.57 -26.73
CA GLU B 102 -8.66 -26.56 -25.91
C GLU B 102 -9.57 -27.19 -24.85
N VAL B 103 -9.63 -26.55 -23.69
CA VAL B 103 -10.45 -26.97 -22.56
C VAL B 103 -11.45 -25.86 -22.24
N PRO B 104 -12.68 -26.20 -21.81
CA PRO B 104 -13.64 -25.15 -21.46
C PRO B 104 -13.24 -24.43 -20.16
N SER B 105 -13.73 -23.19 -19.99
CA SER B 105 -13.48 -22.39 -18.78
C SER B 105 -14.14 -23.05 -17.53
N LYS B 106 -15.26 -23.79 -17.74
CA LYS B 106 -15.99 -24.52 -16.71
C LYS B 106 -15.14 -25.67 -16.14
N MSE B 107 -14.31 -26.31 -16.98
CA MSE B 107 -13.43 -27.37 -16.49
C MSE B 107 -12.36 -26.81 -15.54
O MSE B 107 -12.10 -27.43 -14.50
CB MSE B 107 -12.75 -28.08 -17.66
CG MSE B 107 -12.02 -29.35 -17.24
SE MSE B 107 -10.69 -29.92 -18.55
CE MSE B 107 -11.89 -30.50 -19.96
N ILE B 108 -11.75 -25.65 -15.88
CA ILE B 108 -10.72 -25.00 -15.04
C ILE B 108 -11.33 -24.62 -13.69
N GLY B 109 -12.51 -24.03 -13.73
CA GLY B 109 -13.25 -23.65 -12.54
C GLY B 109 -13.47 -24.79 -11.58
N ASN B 110 -13.95 -25.95 -12.08
CA ASN B 110 -14.20 -27.15 -11.26
C ASN B 110 -12.92 -27.67 -10.62
N LEU B 111 -11.80 -27.60 -11.36
CA LEU B 111 -10.50 -28.03 -10.84
C LEU B 111 -10.00 -27.12 -9.71
N VAL B 112 -10.36 -25.82 -9.75
CA VAL B 112 -10.03 -24.86 -8.71
C VAL B 112 -10.86 -25.17 -7.49
N MSE B 113 -12.16 -25.42 -7.67
CA MSE B 113 -13.08 -25.81 -6.60
C MSE B 113 -12.57 -27.05 -5.85
O MSE B 113 -12.68 -27.14 -4.63
CB MSE B 113 -14.46 -26.10 -7.20
CG MSE B 113 -15.12 -24.87 -7.80
SE MSE B 113 -16.10 -23.89 -6.46
CE MSE B 113 -17.70 -24.81 -6.63
N GLU B 114 -11.99 -27.99 -6.61
CA GLU B 114 -11.41 -29.24 -6.14
C GLU B 114 -10.19 -28.99 -5.24
N GLN B 115 -9.41 -27.96 -5.55
CA GLN B 115 -8.23 -27.60 -4.77
C GLN B 115 -8.59 -26.76 -3.57
N LEU B 116 -9.51 -25.80 -3.75
CA LEU B 116 -9.96 -24.91 -2.68
C LEU B 116 -10.67 -25.64 -1.57
N LYS B 117 -11.35 -26.73 -1.89
CA LYS B 117 -12.02 -27.54 -0.89
C LYS B 117 -10.96 -28.14 0.06
N LYS B 118 -9.81 -28.57 -0.49
CA LYS B 118 -8.70 -29.11 0.28
C LYS B 118 -7.98 -27.99 1.05
N LEU B 119 -7.69 -26.86 0.38
CA LEU B 119 -6.99 -25.72 0.94
C LEU B 119 -7.74 -24.98 2.08
N ASP B 120 -8.91 -24.40 1.79
CA ASP B 120 -9.68 -23.67 2.79
C ASP B 120 -11.16 -23.73 2.46
N LYS B 121 -11.96 -24.25 3.38
CA LYS B 121 -13.39 -24.42 3.16
C LYS B 121 -14.15 -23.07 3.16
N VAL B 122 -13.61 -22.03 3.83
CA VAL B 122 -14.24 -20.68 3.78
C VAL B 122 -13.98 -20.08 2.41
N ALA B 123 -12.73 -20.20 1.93
CA ALA B 123 -12.31 -19.72 0.61
C ALA B 123 -13.07 -20.44 -0.50
N TYR B 124 -13.40 -21.73 -0.30
CA TYR B 124 -14.14 -22.51 -1.26
C TYR B 124 -15.55 -21.94 -1.43
N ILE B 125 -16.20 -21.53 -0.35
CA ILE B 125 -17.53 -20.94 -0.39
C ILE B 125 -17.49 -19.59 -1.09
N ARG B 126 -16.45 -18.77 -0.81
CA ARG B 126 -16.29 -17.47 -1.44
C ARG B 126 -16.14 -17.62 -2.94
N PHE B 127 -15.37 -18.62 -3.40
CA PHE B 127 -15.16 -18.86 -4.82
C PHE B 127 -16.46 -19.33 -5.46
N ALA B 128 -17.12 -20.34 -4.89
CA ALA B 128 -18.36 -20.86 -5.44
C ALA B 128 -19.45 -19.80 -5.54
N SER B 129 -19.48 -18.82 -4.61
CA SER B 129 -20.50 -17.77 -4.64
C SER B 129 -20.46 -16.90 -5.89
N VAL B 130 -19.27 -16.70 -6.45
CA VAL B 130 -19.13 -15.90 -7.66
C VAL B 130 -19.05 -16.85 -8.86
N TYR B 131 -18.30 -17.97 -8.74
CA TYR B 131 -18.15 -18.98 -9.81
C TYR B 131 -19.50 -19.51 -10.26
N ARG B 132 -20.33 -19.93 -9.29
CA ARG B 132 -21.67 -20.43 -9.59
C ARG B 132 -22.74 -19.30 -9.57
N SER B 133 -22.31 -18.02 -9.50
CA SER B 133 -23.12 -16.80 -9.43
C SER B 133 -24.38 -16.96 -8.61
N PHE B 134 -24.23 -16.87 -7.29
CA PHE B 134 -25.34 -17.03 -6.36
C PHE B 134 -26.32 -15.88 -6.55
N GLU B 135 -27.60 -16.20 -6.70
CA GLU B 135 -28.63 -15.18 -6.87
C GLU B 135 -29.45 -14.93 -5.59
N ASP B 136 -29.33 -15.82 -4.58
CA ASP B 136 -30.02 -15.72 -3.31
C ASP B 136 -29.06 -16.08 -2.18
N ILE B 137 -29.31 -15.55 -0.97
CA ILE B 137 -28.49 -15.88 0.20
C ILE B 137 -28.62 -17.38 0.57
N LYS B 138 -29.76 -18.01 0.23
CA LYS B 138 -30.02 -19.42 0.46
C LYS B 138 -29.04 -20.32 -0.30
N ASP B 139 -28.47 -19.83 -1.42
CA ASP B 139 -27.46 -20.55 -2.20
C ASP B 139 -26.23 -20.86 -1.32
N PHE B 140 -25.90 -19.97 -0.35
CA PHE B 140 -24.77 -20.16 0.57
C PHE B 140 -25.01 -21.35 1.48
N GLY B 141 -26.21 -21.46 2.03
CA GLY B 141 -26.57 -22.56 2.91
C GLY B 141 -26.58 -23.90 2.18
N GLU B 142 -26.96 -23.87 0.89
CA GLU B 142 -27.00 -25.06 0.04
C GLU B 142 -25.61 -25.57 -0.28
N GLU B 143 -24.65 -24.67 -0.46
CA GLU B 143 -23.26 -25.07 -0.73
C GLU B 143 -22.63 -25.63 0.54
N ILE B 144 -23.02 -25.13 1.72
CA ILE B 144 -22.53 -25.62 3.00
C ILE B 144 -23.13 -26.99 3.28
N ALA B 145 -24.42 -27.17 3.02
CA ALA B 145 -25.07 -28.47 3.19
C ALA B 145 -24.45 -29.51 2.25
N ARG B 146 -24.04 -29.09 1.03
CA ARG B 146 -23.37 -29.89 0.01
C ARG B 146 -21.99 -30.33 0.51
N LEU B 147 -21.28 -29.42 1.21
CA LEU B 147 -19.93 -29.58 1.74
C LEU B 147 -19.85 -30.37 3.08
N GLU B 148 -20.97 -30.48 3.82
CA GLU B 148 -20.97 -31.22 5.08
C GLU B 148 -21.25 -32.75 4.86
N ASP B 149 -21.28 -33.19 3.59
CA ASP B 149 -21.43 -34.58 3.14
C ASP B 149 -20.22 -35.36 3.60
N MSE C 1 9.40 -36.32 -12.48
CA MSE C 1 8.45 -36.68 -13.53
C MSE C 1 8.42 -35.64 -14.65
O MSE C 1 7.40 -34.96 -14.83
CB MSE C 1 7.03 -36.96 -12.98
CG MSE C 1 6.72 -36.29 -11.65
SE MSE C 1 4.88 -36.55 -11.03
CE MSE C 1 4.61 -38.43 -11.57
N HIS C 2 9.52 -35.52 -15.41
CA HIS C 2 9.59 -34.55 -16.50
C HIS C 2 8.69 -34.93 -17.72
N CYS C 3 8.28 -36.21 -17.87
CA CYS C 3 7.44 -36.57 -19.03
C CYS C 3 6.05 -35.93 -18.99
N PRO C 4 5.70 -35.19 -20.05
CA PRO C 4 4.38 -34.53 -20.08
C PRO C 4 3.24 -35.35 -20.69
N PHE C 5 3.55 -36.49 -21.32
CA PHE C 5 2.54 -37.30 -21.98
C PHE C 5 2.03 -38.40 -21.05
N CYS C 6 2.92 -39.30 -20.59
CA CYS C 6 2.54 -40.41 -19.70
C CYS C 6 2.81 -40.12 -18.21
N PHE C 7 3.50 -39.01 -17.91
CA PHE C 7 3.84 -38.58 -16.55
C PHE C 7 4.82 -39.51 -15.84
N ALA C 8 5.89 -39.91 -16.54
CA ALA C 8 6.96 -40.76 -16.00
C ALA C 8 8.06 -39.87 -15.45
N VAL C 9 8.59 -40.21 -14.27
CA VAL C 9 9.62 -39.43 -13.58
C VAL C 9 10.94 -39.29 -14.36
N ASP C 10 11.54 -40.40 -14.77
CA ASP C 10 12.82 -40.37 -15.48
C ASP C 10 12.67 -40.10 -16.97
N THR C 11 13.32 -39.02 -17.43
CA THR C 11 13.29 -38.63 -18.84
C THR C 11 14.74 -38.54 -19.33
N LYS C 12 15.14 -39.45 -20.22
CA LYS C 12 16.50 -39.48 -20.75
C LYS C 12 16.76 -38.29 -21.69
N VAL C 13 17.99 -37.77 -21.71
CA VAL C 13 18.34 -36.65 -22.60
C VAL C 13 19.22 -37.17 -23.72
N ILE C 14 18.97 -36.72 -24.96
CA ILE C 14 19.75 -37.18 -26.11
C ILE C 14 20.73 -36.11 -26.59
N ASP C 15 20.24 -34.89 -26.88
CA ASP C 15 21.10 -33.83 -27.37
C ASP C 15 21.10 -32.58 -26.48
N SER C 16 22.10 -31.71 -26.65
CA SER C 16 22.22 -30.48 -25.85
C SER C 16 23.00 -29.40 -26.62
N ARG C 17 22.36 -28.76 -27.61
CA ARG C 17 23.02 -27.70 -28.37
C ARG C 17 22.67 -26.34 -27.78
N LEU C 18 23.68 -25.47 -27.60
CA LEU C 18 23.45 -24.13 -27.07
C LEU C 18 22.93 -23.23 -28.17
N VAL C 19 21.66 -22.82 -28.06
CA VAL C 19 21.03 -22.00 -29.08
C VAL C 19 20.67 -20.60 -28.57
N GLY C 20 20.31 -19.69 -29.49
CA GLY C 20 19.91 -18.33 -29.16
C GLY C 20 21.08 -17.46 -28.78
N GLU C 21 22.24 -17.69 -29.42
CA GLU C 21 23.47 -16.98 -29.16
C GLU C 21 23.91 -17.19 -27.70
N GLY C 22 23.92 -18.46 -27.29
CA GLY C 22 24.31 -18.88 -25.95
C GLY C 22 23.37 -18.49 -24.81
N SER C 23 22.30 -17.75 -25.10
CA SER C 23 21.37 -17.31 -24.07
C SER C 23 20.49 -18.44 -23.51
N SER C 24 20.37 -19.57 -24.23
CA SER C 24 19.55 -20.69 -23.79
C SER C 24 20.07 -22.04 -24.27
N VAL C 25 19.65 -23.14 -23.60
CA VAL C 25 20.07 -24.49 -23.95
C VAL C 25 18.91 -25.33 -24.48
N ARG C 26 18.91 -25.62 -25.80
CA ARG C 26 17.88 -26.45 -26.43
C ARG C 26 18.32 -27.90 -26.28
N ARG C 27 17.50 -28.73 -25.62
CA ARG C 27 17.84 -30.14 -25.45
C ARG C 27 16.75 -31.07 -25.96
N ARG C 28 17.13 -32.30 -26.30
CA ARG C 28 16.17 -33.29 -26.76
C ARG C 28 15.94 -34.25 -25.62
N ARG C 29 14.70 -34.48 -25.24
CA ARG C 29 14.40 -35.44 -24.19
C ARG C 29 13.55 -36.59 -24.74
N GLN C 30 13.67 -37.79 -24.15
CA GLN C 30 12.90 -38.95 -24.57
C GLN C 30 12.37 -39.67 -23.35
N CYS C 31 11.09 -40.08 -23.36
CA CYS C 31 10.54 -40.83 -22.24
C CYS C 31 10.91 -42.30 -22.36
N LEU C 32 11.10 -42.95 -21.22
CA LEU C 32 11.49 -44.35 -21.19
C LEU C 32 10.29 -45.29 -21.31
N VAL C 33 9.10 -44.85 -20.88
CA VAL C 33 7.92 -45.71 -20.92
C VAL C 33 7.09 -45.49 -22.21
N CYS C 34 6.67 -44.26 -22.49
CA CYS C 34 5.88 -43.99 -23.71
C CYS C 34 6.75 -43.82 -24.97
N ASN C 35 8.09 -43.69 -24.81
CA ASN C 35 9.09 -43.57 -25.88
C ASN C 35 8.89 -42.36 -26.80
N GLU C 36 8.23 -41.32 -26.29
CA GLU C 36 8.02 -40.10 -27.06
C GLU C 36 9.23 -39.20 -26.97
N ARG C 37 9.37 -38.27 -27.92
CA ARG C 37 10.49 -37.33 -27.91
C ARG C 37 9.99 -35.88 -27.88
N PHE C 38 10.68 -35.00 -27.15
CA PHE C 38 10.28 -33.60 -27.06
C PHE C 38 11.47 -32.64 -26.91
N THR C 39 11.22 -31.33 -27.05
CA THR C 39 12.26 -30.32 -26.96
C THR C 39 12.19 -29.57 -25.63
N THR C 40 13.35 -29.17 -25.11
CA THR C 40 13.45 -28.47 -23.83
C THR C 40 14.16 -27.11 -24.01
N PHE C 41 13.77 -26.08 -23.23
CA PHE C 41 14.44 -24.78 -23.32
C PHE C 41 14.82 -24.19 -21.97
N GLU C 42 16.08 -24.33 -21.60
CA GLU C 42 16.60 -23.82 -20.34
C GLU C 42 17.04 -22.38 -20.52
N VAL C 43 16.30 -21.44 -19.95
CA VAL C 43 16.65 -20.02 -20.08
C VAL C 43 16.88 -19.38 -18.71
N ALA C 44 17.73 -18.35 -18.65
CA ALA C 44 18.00 -17.66 -17.39
C ALA C 44 16.88 -16.68 -17.02
N GLU C 45 16.33 -16.74 -15.79
CA GLU C 45 15.28 -15.79 -15.39
C GLU C 45 15.94 -14.50 -14.97
N LEU C 46 15.87 -13.47 -15.82
CA LEU C 46 16.51 -12.19 -15.49
C LEU C 46 15.50 -11.06 -15.26
N VAL C 47 14.19 -11.37 -15.23
CA VAL C 47 13.17 -10.37 -14.97
C VAL C 47 13.05 -10.17 -13.44
N MSE C 48 12.75 -8.93 -12.98
CA MSE C 48 12.62 -8.69 -11.55
C MSE C 48 11.31 -9.24 -11.02
O MSE C 48 10.25 -9.00 -11.60
CB MSE C 48 12.77 -7.20 -11.17
CG MSE C 48 14.16 -6.63 -11.42
SE MSE C 48 15.53 -7.49 -10.38
CE MSE C 48 14.78 -7.35 -8.67
N PRO C 49 11.36 -10.02 -9.95
CA PRO C 49 10.12 -10.62 -9.41
C PRO C 49 9.14 -9.59 -8.86
N ARG C 50 7.87 -9.99 -8.71
CA ARG C 50 6.85 -9.11 -8.15
C ARG C 50 7.05 -8.98 -6.64
N VAL C 51 6.56 -7.91 -6.04
CA VAL C 51 6.70 -7.69 -4.61
C VAL C 51 5.41 -8.02 -3.89
N VAL C 52 5.47 -8.95 -2.90
CA VAL C 52 4.29 -9.27 -2.11
C VAL C 52 4.32 -8.33 -0.93
N LYS C 53 3.52 -7.25 -1.01
CA LYS C 53 3.47 -6.20 0.01
C LYS C 53 2.87 -6.66 1.34
N SER C 54 3.03 -5.85 2.41
CA SER C 54 2.55 -6.11 3.77
C SER C 54 1.05 -6.45 3.84
N ASN C 55 0.27 -5.99 2.86
CA ASN C 55 -1.16 -6.25 2.77
C ASN C 55 -1.46 -7.34 1.72
N ASP C 56 -0.52 -8.30 1.54
CA ASP C 56 -0.58 -9.43 0.62
C ASP C 56 -0.85 -9.08 -0.84
N VAL C 57 -0.88 -7.79 -1.21
CA VAL C 57 -1.13 -7.44 -2.60
C VAL C 57 0.17 -7.51 -3.41
N ARG C 58 0.11 -8.10 -4.61
CA ARG C 58 1.29 -8.17 -5.47
C ARG C 58 1.47 -6.86 -6.25
N GLU C 59 2.71 -6.43 -6.40
CA GLU C 59 3.01 -5.16 -7.05
C GLU C 59 4.30 -5.30 -7.85
N PRO C 60 4.42 -4.68 -9.04
CA PRO C 60 5.67 -4.80 -9.81
C PRO C 60 6.85 -4.21 -9.05
N PHE C 61 8.05 -4.78 -9.26
CA PHE C 61 9.24 -4.28 -8.58
C PHE C 61 9.54 -2.83 -9.02
N ASN C 62 9.62 -1.89 -8.07
CA ASN C 62 9.93 -0.51 -8.41
C ASN C 62 11.22 -0.07 -7.73
N GLU C 63 12.35 -0.09 -8.45
CA GLU C 63 13.64 0.30 -7.88
C GLU C 63 13.63 1.72 -7.28
N GLU C 64 12.71 2.59 -7.71
CA GLU C 64 12.60 3.93 -7.15
C GLU C 64 12.00 3.89 -5.74
N LYS C 65 11.00 3.00 -5.54
CA LYS C 65 10.38 2.81 -4.24
C LYS C 65 11.42 2.24 -3.22
N LEU C 66 12.39 1.45 -3.71
CA LEU C 66 13.49 0.85 -2.94
C LEU C 66 14.55 1.93 -2.59
N ARG C 67 14.89 2.77 -3.59
CA ARG C 67 15.87 3.85 -3.50
C ARG C 67 15.43 5.02 -2.61
N SER C 68 14.18 5.42 -2.70
CA SER C 68 13.63 6.50 -1.86
C SER C 68 13.73 6.18 -0.36
N GLY C 69 13.43 4.93 -0.02
CA GLY C 69 13.51 4.48 1.36
C GLY C 69 14.91 4.57 1.91
N MSE C 70 15.91 4.25 1.07
CA MSE C 70 17.31 4.33 1.44
C MSE C 70 17.77 5.78 1.54
O MSE C 70 18.51 6.10 2.45
CB MSE C 70 18.17 3.65 0.40
CG MSE C 70 17.84 2.23 0.19
SE MSE C 70 19.34 1.41 -0.70
CE MSE C 70 18.46 -0.07 -1.37
N LEU C 71 17.35 6.65 0.60
CA LEU C 71 17.75 8.04 0.63
C LEU C 71 17.16 8.82 1.80
N ARG C 72 16.01 8.37 2.33
CA ARG C 72 15.40 8.99 3.51
C ARG C 72 16.22 8.67 4.75
N ALA C 73 16.67 7.42 4.87
CA ALA C 73 17.50 7.00 6.00
C ALA C 73 18.93 7.57 5.87
N LEU C 74 19.43 7.72 4.63
CA LEU C 74 20.75 8.25 4.31
C LEU C 74 20.77 9.77 4.17
N GLU C 75 19.90 10.45 4.91
CA GLU C 75 19.84 11.91 4.87
C GLU C 75 21.04 12.45 5.62
N LYS C 76 21.75 13.42 5.03
CA LYS C 76 22.92 14.08 5.63
C LYS C 76 24.09 13.12 5.99
N ARG C 77 24.10 11.90 5.41
CA ARG C 77 25.19 10.96 5.66
C ARG C 77 26.23 11.03 4.56
N PRO C 78 27.53 10.85 4.90
CA PRO C 78 28.56 10.93 3.86
C PRO C 78 28.78 9.64 3.08
N VAL C 79 27.72 9.14 2.44
CA VAL C 79 27.75 7.94 1.62
C VAL C 79 27.45 8.39 0.18
N SER C 80 28.41 8.23 -0.72
CA SER C 80 28.27 8.68 -2.11
C SER C 80 27.16 7.94 -2.87
N SER C 81 26.65 8.57 -3.94
CA SER C 81 25.60 7.94 -4.75
C SER C 81 26.09 6.74 -5.56
N ASP C 82 27.41 6.62 -5.79
CA ASP C 82 27.94 5.45 -6.48
C ASP C 82 27.87 4.23 -5.55
N ASP C 83 28.08 4.42 -4.23
CA ASP C 83 27.96 3.34 -3.24
C ASP C 83 26.49 2.93 -3.09
N VAL C 84 25.57 3.89 -3.20
CA VAL C 84 24.14 3.64 -3.09
C VAL C 84 23.69 2.83 -4.29
N GLU C 85 24.10 3.23 -5.50
CA GLU C 85 23.75 2.49 -6.71
C GLU C 85 24.34 1.09 -6.74
N MSE C 86 25.52 0.91 -6.13
CA MSE C 86 26.18 -0.39 -6.01
C MSE C 86 25.35 -1.29 -5.08
O MSE C 86 25.15 -2.48 -5.38
CB MSE C 86 27.59 -0.19 -5.45
CG MSE C 86 28.63 -1.05 -6.13
SE MSE C 86 30.36 -0.14 -6.12
CE MSE C 86 29.99 1.26 -7.47
N ALA C 87 24.85 -0.74 -3.97
CA ALA C 87 24.03 -1.46 -3.01
C ALA C 87 22.69 -1.83 -3.62
N ILE C 88 22.10 -0.93 -4.40
CA ILE C 88 20.83 -1.19 -5.07
C ILE C 88 21.00 -2.29 -6.15
N ASN C 89 22.13 -2.27 -6.86
CA ASN C 89 22.40 -3.28 -7.88
C ASN C 89 22.66 -4.65 -7.25
N HIS C 90 23.27 -4.67 -6.07
CA HIS C 90 23.53 -5.92 -5.37
C HIS C 90 22.25 -6.50 -4.79
N ILE C 91 21.31 -5.66 -4.34
CA ILE C 91 20.04 -6.15 -3.81
C ILE C 91 19.24 -6.74 -4.96
N LYS C 92 19.17 -6.03 -6.11
CA LYS C 92 18.48 -6.53 -7.30
C LYS C 92 19.08 -7.87 -7.75
N SER C 93 20.43 -7.97 -7.76
CA SER C 93 21.17 -9.18 -8.12
C SER C 93 20.75 -10.36 -7.24
N GLN C 94 20.67 -10.15 -5.92
CA GLN C 94 20.26 -11.18 -4.98
C GLN C 94 18.79 -11.55 -5.13
N LEU C 95 17.97 -10.60 -5.56
CA LEU C 95 16.56 -10.86 -5.79
C LEU C 95 16.39 -11.74 -7.03
N ARG C 96 17.20 -11.50 -8.08
CA ARG C 96 17.24 -12.30 -9.32
C ARG C 96 17.76 -13.74 -9.03
N ALA C 97 18.72 -13.84 -8.12
CA ALA C 97 19.34 -15.07 -7.70
C ALA C 97 18.40 -16.08 -7.05
N THR C 98 17.28 -15.63 -6.47
CA THR C 98 16.33 -16.56 -5.83
C THR C 98 15.64 -17.47 -6.84
N GLY C 99 15.42 -16.96 -8.06
CA GLY C 99 14.74 -17.69 -9.12
C GLY C 99 13.24 -17.78 -8.86
N GLU C 100 12.67 -16.68 -8.37
CA GLU C 100 11.26 -16.65 -7.99
C GLU C 100 10.39 -15.75 -8.84
N ARG C 101 9.08 -16.07 -8.90
CA ARG C 101 8.09 -15.23 -9.59
C ARG C 101 7.82 -13.98 -8.73
N GLU C 102 7.82 -14.14 -7.40
CA GLU C 102 7.60 -13.02 -6.50
C GLU C 102 8.35 -13.19 -5.18
N VAL C 103 8.84 -12.09 -4.63
CA VAL C 103 9.57 -12.05 -3.36
C VAL C 103 8.78 -11.18 -2.37
N PRO C 104 8.76 -11.52 -1.07
CA PRO C 104 8.01 -10.69 -0.12
C PRO C 104 8.69 -9.34 0.15
N SER C 105 7.92 -8.28 0.48
CA SER C 105 8.49 -6.96 0.76
C SER C 105 9.50 -7.01 1.93
N LYS C 106 9.27 -7.94 2.89
CA LYS C 106 10.13 -8.17 4.04
C LYS C 106 11.54 -8.64 3.61
N MSE C 107 11.64 -9.45 2.54
CA MSE C 107 12.93 -9.90 2.05
C MSE C 107 13.75 -8.71 1.52
O MSE C 107 14.95 -8.62 1.78
CB MSE C 107 12.77 -10.96 0.96
CG MSE C 107 14.10 -11.61 0.57
SE MSE C 107 14.10 -12.47 -1.18
CE MSE C 107 12.93 -13.96 -0.77
N ILE C 108 13.08 -7.81 0.82
CA ILE C 108 13.72 -6.62 0.27
C ILE C 108 14.24 -5.74 1.40
N GLY C 109 13.43 -5.57 2.44
CA GLY C 109 13.81 -4.77 3.60
C GLY C 109 15.05 -5.30 4.29
N ASN C 110 15.10 -6.61 4.54
CA ASN C 110 16.25 -7.23 5.18
C ASN C 110 17.52 -7.05 4.36
N LEU C 111 17.38 -7.16 3.03
CA LEU C 111 18.51 -6.96 2.15
C LEU C 111 19.06 -5.52 2.17
N VAL C 112 18.18 -4.49 2.30
CA VAL C 112 18.67 -3.11 2.40
C VAL C 112 19.24 -2.86 3.82
N MSE C 113 18.77 -3.59 4.84
CA MSE C 113 19.30 -3.49 6.18
C MSE C 113 20.76 -3.92 6.22
O MSE C 113 21.56 -3.27 6.88
CB MSE C 113 18.49 -4.34 7.17
CG MSE C 113 17.08 -3.83 7.41
SE MSE C 113 16.94 -2.54 8.86
CE MSE C 113 16.23 -3.66 10.04
N GLU C 114 21.13 -4.99 5.49
CA GLU C 114 22.54 -5.41 5.47
C GLU C 114 23.41 -4.45 4.65
N GLN C 115 22.84 -3.83 3.60
CA GLN C 115 23.61 -2.85 2.83
C GLN C 115 23.87 -1.60 3.66
N LEU C 116 22.83 -1.04 4.31
CA LEU C 116 22.95 0.14 5.15
C LEU C 116 23.85 -0.08 6.35
N LYS C 117 23.91 -1.31 6.88
CA LYS C 117 24.80 -1.64 7.99
C LYS C 117 26.27 -1.44 7.53
N LYS C 118 26.58 -1.84 6.28
CA LYS C 118 27.90 -1.66 5.69
C LYS C 118 28.15 -0.19 5.35
N LEU C 119 27.16 0.48 4.73
CA LEU C 119 27.25 1.88 4.31
C LEU C 119 27.35 2.89 5.48
N ASP C 120 26.31 2.99 6.32
CA ASP C 120 26.30 3.94 7.43
C ASP C 120 25.47 3.40 8.57
N LYS C 121 26.09 3.24 9.73
CA LYS C 121 25.40 2.68 10.88
C LYS C 121 24.37 3.64 11.48
N VAL C 122 24.50 4.97 11.27
CA VAL C 122 23.48 5.93 11.73
C VAL C 122 22.26 5.79 10.83
N ALA C 123 22.49 5.74 9.51
CA ALA C 123 21.46 5.55 8.50
C ALA C 123 20.72 4.21 8.68
N TYR C 124 21.45 3.19 9.14
CA TYR C 124 20.86 1.89 9.38
C TYR C 124 19.83 1.96 10.51
N ILE C 125 20.15 2.71 11.58
CA ILE C 125 19.23 2.87 12.72
C ILE C 125 17.99 3.64 12.29
N ARG C 126 18.17 4.68 11.46
CA ARG C 126 17.06 5.48 10.94
C ARG C 126 16.10 4.60 10.13
N PHE C 127 16.65 3.75 9.27
CA PHE C 127 15.82 2.85 8.46
C PHE C 127 15.10 1.85 9.35
N ALA C 128 15.82 1.16 10.26
CA ALA C 128 15.26 0.15 11.15
C ALA C 128 14.16 0.67 12.04
N SER C 129 14.22 1.94 12.43
CA SER C 129 13.21 2.53 13.31
C SER C 129 11.83 2.67 12.65
N VAL C 130 11.79 2.81 11.32
CA VAL C 130 10.52 2.88 10.60
C VAL C 130 10.21 1.51 10.00
N TYR C 131 11.23 0.82 9.42
CA TYR C 131 11.08 -0.52 8.85
C TYR C 131 10.51 -1.50 9.87
N ARG C 132 11.10 -1.53 11.06
CA ARG C 132 10.65 -2.39 12.15
C ARG C 132 9.60 -1.69 13.07
N SER C 133 9.12 -0.50 12.67
CA SER C 133 8.16 0.36 13.36
C SER C 133 8.36 0.39 14.86
N PHE C 134 9.34 1.18 15.33
CA PHE C 134 9.64 1.27 16.75
C PHE C 134 8.48 1.92 17.46
N GLU C 135 8.02 1.33 18.55
CA GLU C 135 6.93 1.90 19.33
C GLU C 135 7.40 2.56 20.64
N ASP C 136 8.65 2.33 21.04
CA ASP C 136 9.26 2.90 22.24
C ASP C 136 10.66 3.40 21.95
N ILE C 137 11.14 4.41 22.69
CA ILE C 137 12.50 4.93 22.54
C ILE C 137 13.56 3.88 22.92
N LYS C 138 13.18 2.92 23.80
CA LYS C 138 14.05 1.83 24.23
C LYS C 138 14.43 0.91 23.08
N ASP C 139 13.58 0.82 22.04
CA ASP C 139 13.87 0.01 20.85
C ASP C 139 15.15 0.52 20.17
N PHE C 140 15.42 1.83 20.21
CA PHE C 140 16.63 2.43 19.63
C PHE C 140 17.88 1.91 20.31
N GLY C 141 17.86 1.88 21.64
CA GLY C 141 18.99 1.40 22.42
C GLY C 141 19.27 -0.07 22.19
N GLU C 142 18.20 -0.85 21.98
CA GLU C 142 18.28 -2.29 21.75
C GLU C 142 18.90 -2.60 20.40
N GLU C 143 18.58 -1.80 19.38
CA GLU C 143 19.16 -1.98 18.05
C GLU C 143 20.65 -1.62 18.05
N ILE C 144 21.06 -0.62 18.87
CA ILE C 144 22.44 -0.20 19.01
C ILE C 144 23.23 -1.27 19.77
N ALA C 145 22.64 -1.81 20.84
CA ALA C 145 23.27 -2.85 21.63
C ALA C 145 23.46 -4.12 20.81
N ARG C 146 22.46 -4.50 20.01
CA ARG C 146 22.56 -5.69 19.17
C ARG C 146 23.28 -5.36 17.85
N LEU C 147 24.24 -4.44 17.91
CA LEU C 147 25.09 -3.97 16.81
C LEU C 147 26.51 -3.83 17.33
N GLU C 148 26.65 -3.32 18.56
CA GLU C 148 27.94 -3.16 19.18
C GLU C 148 28.59 -4.48 19.62
N ASP C 149 27.81 -5.57 19.70
CA ASP C 149 28.37 -6.88 20.03
C ASP C 149 29.11 -7.49 18.82
N HIS C 150 28.71 -7.09 17.60
CA HIS C 150 29.29 -7.55 16.33
C HIS C 150 30.58 -6.80 16.07
N HIS C 151 30.60 -5.47 16.32
CA HIS C 151 31.79 -4.65 16.17
C HIS C 151 32.85 -5.03 17.24
N HIS C 152 32.40 -5.43 18.45
CA HIS C 152 33.27 -5.87 19.52
C HIS C 152 34.08 -7.11 19.06
N HIS C 153 33.45 -7.99 18.25
CA HIS C 153 34.09 -9.17 17.69
C HIS C 153 34.60 -8.84 16.28
N MSE D 1 -21.62 31.23 -7.50
CA MSE D 1 -21.76 29.78 -7.61
C MSE D 1 -21.02 29.09 -6.44
O MSE D 1 -19.92 28.58 -6.65
CB MSE D 1 -21.19 29.32 -8.97
CG MSE D 1 -21.70 27.94 -9.43
SE MSE D 1 -20.74 26.38 -8.69
CE MSE D 1 -19.07 26.45 -9.69
N HIS D 2 -21.59 29.09 -5.21
CA HIS D 2 -20.90 28.44 -4.10
C HIS D 2 -21.21 26.93 -4.01
N CYS D 3 -22.34 26.43 -4.58
CA CYS D 3 -22.65 25.00 -4.48
C CYS D 3 -21.67 24.11 -5.26
N PRO D 4 -21.03 23.16 -4.57
CA PRO D 4 -20.06 22.28 -5.25
C PRO D 4 -20.64 20.99 -5.85
N PHE D 5 -21.90 20.68 -5.54
CA PHE D 5 -22.52 19.44 -6.02
C PHE D 5 -23.32 19.68 -7.29
N CYS D 6 -24.34 20.56 -7.25
CA CYS D 6 -25.16 20.86 -8.42
C CYS D 6 -24.74 22.13 -9.17
N PHE D 7 -23.80 22.91 -8.61
CA PHE D 7 -23.27 24.15 -9.18
C PHE D 7 -24.31 25.27 -9.28
N ALA D 8 -25.05 25.49 -8.19
CA ALA D 8 -26.04 26.56 -8.09
C ALA D 8 -25.38 27.77 -7.45
N VAL D 9 -25.64 28.97 -7.99
CA VAL D 9 -25.02 30.21 -7.53
C VAL D 9 -25.38 30.58 -6.06
N ASP D 10 -26.67 30.64 -5.73
CA ASP D 10 -27.08 31.02 -4.38
C ASP D 10 -27.05 29.85 -3.39
N THR D 11 -26.29 30.03 -2.31
CA THR D 11 -26.16 29.04 -1.25
C THR D 11 -26.52 29.68 0.07
N LYS D 12 -27.66 29.30 0.67
CA LYS D 12 -28.13 29.90 1.92
C LYS D 12 -27.31 29.44 3.12
N VAL D 13 -27.15 30.31 4.13
CA VAL D 13 -26.38 29.96 5.32
C VAL D 13 -27.32 29.77 6.51
N ILE D 14 -27.09 28.71 7.30
CA ILE D 14 -27.93 28.43 8.47
C ILE D 14 -27.17 28.68 9.78
N ASP D 15 -25.97 28.11 9.92
CA ASP D 15 -25.21 28.25 11.16
C ASP D 15 -23.88 29.02 11.02
N SER D 16 -23.33 29.50 12.15
CA SER D 16 -22.09 30.28 12.17
C SER D 16 -21.37 30.19 13.53
N ARG D 17 -20.65 29.10 13.77
CA ARG D 17 -19.92 28.90 15.02
C ARG D 17 -18.43 29.29 14.89
N LEU D 18 -17.93 30.12 15.82
CA LEU D 18 -16.53 30.54 15.79
C LEU D 18 -15.63 29.44 16.30
N VAL D 19 -14.76 28.92 15.44
CA VAL D 19 -13.86 27.82 15.83
C VAL D 19 -12.39 28.23 15.89
N GLY D 20 -11.60 27.47 16.64
CA GLY D 20 -10.17 27.70 16.80
C GLY D 20 -9.84 28.89 17.69
N GLU D 21 -10.74 29.20 18.63
CA GLU D 21 -10.61 30.34 19.53
C GLU D 21 -10.61 31.65 18.77
N GLY D 22 -11.52 31.75 17.82
CA GLY D 22 -11.68 32.92 16.98
C GLY D 22 -10.83 33.00 15.73
N SER D 23 -9.91 32.05 15.52
CA SER D 23 -9.05 32.09 14.33
C SER D 23 -9.78 31.81 13.00
N SER D 24 -10.94 31.13 13.07
CA SER D 24 -11.72 30.82 11.87
C SER D 24 -13.23 30.70 12.17
N VAL D 25 -14.08 30.81 11.14
CA VAL D 25 -15.52 30.72 11.30
C VAL D 25 -16.11 29.53 10.56
N ARG D 26 -16.70 28.59 11.30
CA ARG D 26 -17.38 27.42 10.75
C ARG D 26 -18.79 27.87 10.39
N ARG D 27 -19.27 27.50 9.20
CA ARG D 27 -20.64 27.84 8.80
C ARG D 27 -21.30 26.75 7.97
N ARG D 28 -22.56 26.43 8.26
CA ARG D 28 -23.28 25.40 7.51
C ARG D 28 -24.05 26.06 6.39
N ARG D 29 -23.80 25.60 5.17
CA ARG D 29 -24.48 26.12 3.99
C ARG D 29 -25.27 25.00 3.32
N GLN D 30 -26.53 25.27 2.97
CA GLN D 30 -27.37 24.27 2.32
C GLN D 30 -27.92 24.82 1.00
N CYS D 31 -27.62 24.13 -0.11
CA CYS D 31 -28.05 24.54 -1.46
C CYS D 31 -29.58 24.64 -1.56
N LEU D 32 -30.06 25.53 -2.40
CA LEU D 32 -31.50 25.72 -2.57
C LEU D 32 -32.10 24.73 -3.56
N VAL D 33 -31.30 24.24 -4.53
CA VAL D 33 -31.82 23.33 -5.56
C VAL D 33 -31.57 21.86 -5.16
N CYS D 34 -30.31 21.46 -4.87
CA CYS D 34 -30.04 20.07 -4.51
C CYS D 34 -30.30 19.77 -3.03
N ASN D 35 -30.51 20.81 -2.19
CA ASN D 35 -30.80 20.74 -0.75
C ASN D 35 -29.75 19.98 0.09
N GLU D 36 -28.47 19.99 -0.32
CA GLU D 36 -27.43 19.30 0.45
C GLU D 36 -26.68 20.27 1.37
N ARG D 37 -26.24 19.79 2.56
CA ARG D 37 -25.53 20.57 3.58
C ARG D 37 -24.00 20.37 3.55
N PHE D 38 -23.23 21.46 3.70
CA PHE D 38 -21.77 21.39 3.75
C PHE D 38 -21.14 22.44 4.69
N THR D 39 -19.83 22.29 4.99
CA THR D 39 -19.14 23.21 5.87
C THR D 39 -18.17 24.10 5.08
N THR D 40 -18.05 25.38 5.47
CA THR D 40 -17.15 26.33 4.85
C THR D 40 -16.34 27.00 5.96
N PHE D 41 -15.02 26.92 5.86
CA PHE D 41 -14.14 27.51 6.85
C PHE D 41 -13.57 28.83 6.40
N GLU D 42 -14.02 29.92 7.01
CA GLU D 42 -13.51 31.25 6.70
C GLU D 42 -12.25 31.49 7.52
N VAL D 43 -11.07 31.45 6.88
CA VAL D 43 -9.80 31.67 7.61
C VAL D 43 -9.05 32.87 7.07
N ALA D 44 -8.29 33.55 7.93
CA ALA D 44 -7.55 34.73 7.52
C ALA D 44 -6.26 34.41 6.82
N GLU D 45 -5.98 35.12 5.72
CA GLU D 45 -4.71 34.94 5.04
C GLU D 45 -3.79 36.03 5.59
N LEU D 46 -2.74 35.58 6.32
CA LEU D 46 -1.76 36.44 6.97
C LEU D 46 -0.34 36.26 6.41
N VAL D 47 0.51 37.24 6.67
CA VAL D 47 1.89 37.16 6.22
C VAL D 47 2.71 36.35 7.21
N MSE D 48 3.52 35.43 6.68
CA MSE D 48 4.46 34.62 7.44
C MSE D 48 5.87 35.12 7.07
O MSE D 48 6.13 35.45 5.92
CB MSE D 48 4.31 33.13 7.08
CG MSE D 48 3.05 32.49 7.64
SE MSE D 48 3.09 32.43 9.57
CE MSE D 48 4.74 31.52 9.79
N PRO D 49 6.77 35.21 8.05
CA PRO D 49 8.13 35.71 7.74
C PRO D 49 8.94 34.82 6.80
N ARG D 50 9.99 35.38 6.19
CA ARG D 50 10.86 34.63 5.30
C ARG D 50 11.76 33.70 6.15
N VAL D 51 12.22 32.62 5.56
CA VAL D 51 13.03 31.64 6.25
C VAL D 51 14.50 31.81 5.89
N VAL D 52 15.33 32.10 6.89
CA VAL D 52 16.77 32.26 6.66
C VAL D 52 17.44 30.89 6.79
N LYS D 53 17.57 30.17 5.66
CA LYS D 53 18.15 28.82 5.56
C LYS D 53 19.54 28.68 6.16
N SER D 54 19.99 27.43 6.41
CA SER D 54 21.31 27.09 6.98
C SER D 54 22.49 27.71 6.23
N ASN D 55 22.29 28.01 4.94
CA ASN D 55 23.29 28.65 4.09
C ASN D 55 23.01 30.15 3.89
N ASP D 56 22.38 30.79 4.90
CA ASP D 56 22.01 32.21 4.95
C ASP D 56 21.15 32.69 3.78
N VAL D 57 20.62 31.78 2.94
CA VAL D 57 19.79 32.19 1.82
C VAL D 57 18.36 32.38 2.30
N ARG D 58 17.70 33.49 1.93
CA ARG D 58 16.31 33.70 2.34
C ARG D 58 15.36 32.98 1.38
N GLU D 59 14.24 32.50 1.92
CA GLU D 59 13.29 31.71 1.16
C GLU D 59 11.89 31.94 1.73
N PRO D 60 10.83 31.97 0.91
CA PRO D 60 9.48 32.17 1.46
C PRO D 60 9.08 31.03 2.39
N PHE D 61 8.26 31.32 3.40
CA PHE D 61 7.79 30.30 4.34
C PHE D 61 6.97 29.24 3.63
N ASN D 62 7.29 27.99 3.92
CA ASN D 62 6.63 26.86 3.30
C ASN D 62 5.97 25.93 4.31
N GLU D 63 4.64 26.02 4.46
CA GLU D 63 3.89 25.15 5.37
C GLU D 63 3.98 23.66 4.95
N GLU D 64 4.30 23.36 3.68
CA GLU D 64 4.45 21.99 3.24
C GLU D 64 5.84 21.45 3.52
N LYS D 65 6.88 22.31 3.43
CA LYS D 65 8.25 21.93 3.78
C LYS D 65 8.29 21.57 5.27
N LEU D 66 7.57 22.35 6.09
CA LEU D 66 7.42 22.19 7.53
C LEU D 66 6.67 20.89 7.86
N ARG D 67 5.50 20.67 7.23
CA ARG D 67 4.64 19.51 7.45
C ARG D 67 5.26 18.21 6.99
N SER D 68 5.89 18.21 5.80
CA SER D 68 6.56 17.01 5.25
C SER D 68 7.66 16.48 6.17
N GLY D 69 8.47 17.38 6.74
CA GLY D 69 9.54 17.00 7.66
C GLY D 69 8.99 16.34 8.92
N MSE D 70 7.84 16.83 9.40
CA MSE D 70 7.18 16.26 10.55
C MSE D 70 6.60 14.91 10.21
O MSE D 70 6.74 13.98 11.00
CB MSE D 70 6.04 17.13 11.03
CG MSE D 70 6.48 18.46 11.47
SE MSE D 70 5.10 19.20 12.60
CE MSE D 70 5.50 20.99 12.31
N LEU D 71 5.93 14.77 9.04
CA LEU D 71 5.33 13.49 8.65
C LEU D 71 6.35 12.42 8.35
N ARG D 72 7.60 12.80 8.00
CA ARG D 72 8.70 11.84 7.77
C ARG D 72 9.12 11.24 9.11
N ALA D 73 9.19 12.08 10.16
CA ALA D 73 9.52 11.67 11.51
C ALA D 73 8.35 10.91 12.16
N LEU D 74 7.12 11.30 11.83
CA LEU D 74 5.87 10.71 12.32
C LEU D 74 5.41 9.54 11.45
N GLU D 75 6.35 8.80 10.84
CA GLU D 75 5.98 7.66 10.01
C GLU D 75 5.53 6.54 10.94
N LYS D 76 4.38 5.90 10.60
CA LYS D 76 3.80 4.78 11.36
C LYS D 76 3.49 5.10 12.84
N ARG D 77 3.35 6.38 13.19
CA ARG D 77 3.06 6.77 14.57
C ARG D 77 1.57 6.99 14.79
N PRO D 78 1.04 6.62 15.98
CA PRO D 78 -0.38 6.85 16.23
C PRO D 78 -0.71 8.24 16.79
N VAL D 79 -0.39 9.29 16.03
CA VAL D 79 -0.66 10.67 16.40
C VAL D 79 -1.68 11.18 15.41
N SER D 80 -2.88 11.58 15.90
CA SER D 80 -3.96 12.02 15.01
C SER D 80 -3.63 13.25 14.19
N SER D 81 -4.29 13.42 13.03
CA SER D 81 -4.04 14.58 12.18
C SER D 81 -4.52 15.89 12.78
N ASP D 82 -5.48 15.83 13.73
CA ASP D 82 -5.92 17.05 14.38
C ASP D 82 -4.82 17.57 15.31
N ASP D 83 -4.08 16.68 15.98
CA ASP D 83 -2.95 17.06 16.83
C ASP D 83 -1.79 17.61 15.99
N VAL D 84 -1.60 17.06 14.78
CA VAL D 84 -0.55 17.49 13.87
C VAL D 84 -0.85 18.89 13.41
N GLU D 85 -2.10 19.13 12.97
CA GLU D 85 -2.50 20.46 12.51
C GLU D 85 -2.49 21.50 13.61
N MSE D 86 -2.74 21.07 14.85
CA MSE D 86 -2.69 21.94 16.03
C MSE D 86 -1.26 22.36 16.28
O MSE D 86 -1.00 23.53 16.57
CB MSE D 86 -3.25 21.20 17.24
CG MSE D 86 -4.18 22.07 18.08
SE MSE D 86 -5.64 21.02 18.84
CE MSE D 86 -6.68 20.71 17.21
N ALA D 87 -0.31 21.42 16.16
CA ALA D 87 1.12 21.66 16.36
C ALA D 87 1.65 22.59 15.28
N ILE D 88 1.22 22.38 14.02
CA ILE D 88 1.63 23.22 12.91
C ILE D 88 1.08 24.65 13.06
N ASN D 89 -0.16 24.77 13.54
CA ASN D 89 -0.76 26.08 13.76
C ASN D 89 -0.10 26.81 14.90
N HIS D 90 0.34 26.09 15.93
CA HIS D 90 1.01 26.69 17.06
C HIS D 90 2.41 27.15 16.70
N ILE D 91 3.10 26.42 15.81
CA ILE D 91 4.45 26.83 15.39
C ILE D 91 4.32 28.07 14.53
N LYS D 92 3.36 28.11 13.59
CA LYS D 92 3.11 29.29 12.76
C LYS D 92 2.75 30.50 13.63
N SER D 93 1.91 30.29 14.66
CA SER D 93 1.49 31.31 15.62
C SER D 93 2.71 31.92 16.31
N GLN D 94 3.65 31.07 16.77
CA GLN D 94 4.87 31.52 17.43
C GLN D 94 5.83 32.22 16.49
N LEU D 95 5.81 31.84 15.21
CA LEU D 95 6.63 32.49 14.21
C LEU D 95 6.09 33.89 13.93
N ARG D 96 4.77 34.02 13.84
CA ARG D 96 4.14 35.32 13.63
C ARG D 96 4.39 36.21 14.85
N ALA D 97 4.28 35.65 16.08
CA ALA D 97 4.48 36.31 17.38
C ALA D 97 5.81 37.06 17.53
N THR D 98 6.86 36.66 16.79
CA THR D 98 8.14 37.37 16.86
C THR D 98 8.02 38.81 16.30
N GLY D 99 7.15 39.00 15.30
CA GLY D 99 6.97 40.27 14.64
C GLY D 99 8.17 40.66 13.82
N GLU D 100 8.88 39.65 13.26
CA GLU D 100 10.09 39.87 12.47
C GLU D 100 9.87 39.61 10.98
N ARG D 101 10.65 40.32 10.14
CA ARG D 101 10.62 40.20 8.68
C ARG D 101 10.97 38.78 8.25
N GLU D 102 11.93 38.15 8.95
CA GLU D 102 12.43 36.81 8.67
C GLU D 102 12.88 36.09 9.93
N VAL D 103 12.68 34.78 9.97
CA VAL D 103 13.08 33.92 11.07
C VAL D 103 14.08 32.87 10.55
N PRO D 104 15.07 32.47 11.36
CA PRO D 104 16.02 31.46 10.88
C PRO D 104 15.34 30.08 10.78
N SER D 105 15.91 29.21 9.93
CA SER D 105 15.40 27.84 9.78
C SER D 105 15.59 27.05 11.10
N LYS D 106 16.66 27.36 11.87
CA LYS D 106 16.98 26.77 13.16
C LYS D 106 15.86 27.03 14.17
N MSE D 107 15.24 28.21 14.14
CA MSE D 107 14.14 28.52 15.06
C MSE D 107 12.93 27.63 14.77
O MSE D 107 12.29 27.13 15.70
CB MSE D 107 13.73 30.00 14.93
CG MSE D 107 12.75 30.44 16.00
SE MSE D 107 11.79 32.08 15.56
CE MSE D 107 13.26 33.32 15.67
N ILE D 108 12.65 27.40 13.49
CA ILE D 108 11.55 26.56 13.07
C ILE D 108 11.76 25.13 13.54
N GLY D 109 12.98 24.63 13.36
CA GLY D 109 13.33 23.27 13.76
C GLY D 109 13.21 23.03 15.25
N ASN D 110 13.62 24.02 16.08
CA ASN D 110 13.52 23.90 17.53
C ASN D 110 12.06 23.83 17.94
N LEU D 111 11.22 24.71 17.38
CA LEU D 111 9.80 24.71 17.66
C LEU D 111 9.13 23.38 17.26
N VAL D 112 9.52 22.79 16.11
CA VAL D 112 8.99 21.51 15.67
C VAL D 112 9.35 20.42 16.69
N MSE D 113 10.60 20.43 17.16
CA MSE D 113 11.05 19.47 18.15
C MSE D 113 10.33 19.60 19.49
O MSE D 113 10.09 18.60 20.18
CB MSE D 113 12.56 19.54 18.30
CG MSE D 113 13.26 19.02 17.10
SE MSE D 113 14.51 17.68 17.59
CE MSE D 113 15.83 18.85 18.26
N GLU D 114 9.92 20.83 19.85
CA GLU D 114 9.15 21.03 21.08
C GLU D 114 7.79 20.36 20.94
N GLN D 115 7.19 20.40 19.76
CA GLN D 115 5.90 19.79 19.50
C GLN D 115 6.01 18.29 19.42
N LEU D 116 7.05 17.77 18.74
CA LEU D 116 7.26 16.33 18.58
C LEU D 116 7.54 15.61 19.89
N LYS D 117 8.16 16.31 20.84
CA LYS D 117 8.42 15.76 22.16
C LYS D 117 7.09 15.46 22.85
N LYS D 118 6.10 16.39 22.70
CA LYS D 118 4.76 16.23 23.25
C LYS D 118 3.99 15.16 22.49
N LEU D 119 4.04 15.19 21.14
CA LEU D 119 3.33 14.27 20.27
C LEU D 119 3.80 12.81 20.34
N ASP D 120 5.04 12.53 19.96
CA ASP D 120 5.56 11.16 19.97
C ASP D 120 7.05 11.17 20.22
N LYS D 121 7.48 10.52 21.29
CA LYS D 121 8.89 10.50 21.66
C LYS D 121 9.76 9.67 20.69
N VAL D 122 9.16 8.69 19.96
CA VAL D 122 9.91 7.93 18.95
C VAL D 122 10.13 8.83 17.74
N ALA D 123 9.07 9.54 17.32
CA ALA D 123 9.12 10.49 16.22
C ALA D 123 10.07 11.64 16.52
N TYR D 124 10.18 12.04 17.80
CA TYR D 124 11.07 13.11 18.21
C TYR D 124 12.52 12.69 17.97
N ILE D 125 12.87 11.43 18.28
CA ILE D 125 14.23 10.93 18.06
C ILE D 125 14.54 10.86 16.58
N ARG D 126 13.58 10.42 15.77
CA ARG D 126 13.74 10.33 14.32
C ARG D 126 14.02 11.72 13.74
N PHE D 127 13.28 12.74 14.18
CA PHE D 127 13.47 14.10 13.70
C PHE D 127 14.82 14.63 14.15
N ALA D 128 15.16 14.52 15.42
CA ALA D 128 16.42 15.00 15.96
C ALA D 128 17.65 14.36 15.30
N SER D 129 17.52 13.10 14.83
CA SER D 129 18.65 12.43 14.19
C SER D 129 19.03 13.11 12.88
N VAL D 130 18.03 13.56 12.12
CA VAL D 130 18.30 14.24 10.84
C VAL D 130 18.48 15.75 11.07
N TYR D 131 17.70 16.33 11.98
CA TYR D 131 17.78 17.75 12.31
C TYR D 131 19.13 18.13 12.88
N ARG D 132 19.59 17.36 13.87
CA ARG D 132 20.89 17.59 14.48
C ARG D 132 22.02 16.80 13.78
N SER D 133 21.74 16.18 12.61
CA SER D 133 22.64 15.35 11.79
C SER D 133 23.57 14.48 12.61
N PHE D 134 23.06 13.37 13.11
CA PHE D 134 23.83 12.45 13.94
C PHE D 134 24.96 11.86 13.14
N GLU D 135 26.18 11.91 13.67
CA GLU D 135 27.33 11.34 12.98
C GLU D 135 27.78 9.99 13.56
N ASP D 136 27.28 9.63 14.76
CA ASP D 136 27.57 8.37 15.43
C ASP D 136 26.30 7.76 16.02
N ILE D 137 26.26 6.44 16.18
CA ILE D 137 25.11 5.76 16.79
C ILE D 137 24.93 6.18 18.28
N LYS D 138 26.03 6.59 18.94
CA LYS D 138 26.03 7.06 20.31
C LYS D 138 25.19 8.34 20.47
N ASP D 139 25.03 9.15 19.38
CA ASP D 139 24.21 10.35 19.39
C ASP D 139 22.76 9.99 19.75
N PHE D 140 22.28 8.78 19.36
CA PHE D 140 20.92 8.31 19.68
C PHE D 140 20.72 8.13 21.17
N GLY D 141 21.70 7.50 21.81
CA GLY D 141 21.65 7.27 23.25
C GLY D 141 21.70 8.57 24.06
N GLU D 142 22.45 9.55 23.55
CA GLU D 142 22.61 10.86 24.15
C GLU D 142 21.31 11.66 24.10
N GLU D 143 20.57 11.55 22.99
CA GLU D 143 19.30 12.24 22.87
C GLU D 143 18.24 11.62 23.79
N ILE D 144 18.32 10.29 23.99
CA ILE D 144 17.40 9.59 24.89
C ILE D 144 17.73 9.95 26.33
N ALA D 145 19.01 10.00 26.68
CA ALA D 145 19.44 10.38 28.03
C ALA D 145 19.06 11.83 28.32
N ARG D 146 19.20 12.71 27.30
CA ARG D 146 18.85 14.15 27.37
C ARG D 146 17.35 14.42 27.58
N LEU D 147 16.52 13.37 27.64
CA LEU D 147 15.09 13.52 27.83
C LEU D 147 14.67 12.78 29.09
N GLU D 148 15.20 11.54 29.30
CA GLU D 148 14.84 10.75 30.47
C GLU D 148 15.18 11.41 31.79
N ASP D 149 16.28 12.16 31.85
CA ASP D 149 16.71 12.79 33.09
C ASP D 149 16.15 14.22 33.23
N HIS D 150 16.46 15.10 32.28
CA HIS D 150 15.91 16.44 32.30
C HIS D 150 14.75 16.54 31.36
N HIS D 151 13.55 16.48 31.93
CA HIS D 151 12.27 16.47 31.21
C HIS D 151 11.98 17.77 30.47
PG ATP E . -7.29 -3.91 5.44
O1G ATP E . -7.45 -5.36 5.86
O2G ATP E . -5.91 -3.60 4.91
O3G ATP E . -8.38 -3.45 4.50
PB ATP E . -8.18 -1.76 7.37
O1B ATP E . -7.67 -1.45 8.71
O2B ATP E . -8.12 -0.73 6.31
O3B ATP E . -7.43 -3.06 6.82
PA ATP E . -10.85 -2.84 6.54
O1A ATP E . -11.90 -3.43 7.39
O2A ATP E . -10.31 -3.65 5.43
O3A ATP E . -9.67 -2.34 7.50
O5' ATP E . -11.42 -1.49 5.95
C5' ATP E . -12.85 -1.33 5.95
C4' ATP E . -13.25 -0.47 4.77
O4' ATP E . -12.36 0.66 4.68
C3' ATP E . -13.23 -1.16 3.41
O3' ATP E . -14.36 -0.75 2.63
C2' ATP E . -11.92 -0.65 2.80
O2' ATP E . -11.93 -0.69 1.37
C1' ATP E . -11.93 0.77 3.33
N9 ATP E . -10.65 1.48 3.30
C8 ATP E . -9.44 1.07 3.81
N7 ATP E . -8.47 1.94 3.64
C5 ATP E . -9.09 2.99 2.97
C6 ATP E . -8.61 4.23 2.50
N6 ATP E . -7.36 4.65 2.67
N1 ATP E . -9.50 5.06 1.89
C2 ATP E . -10.76 4.65 1.76
N3 ATP E . -11.33 3.51 2.16
C4 ATP E . -10.43 2.71 2.76
PG DTP F . -5.63 -2.26 2.25
O1G DTP F . -4.60 -2.13 1.16
O2G DTP F . -5.80 -3.71 2.67
O3G DTP F . -5.37 -1.33 3.41
PB DTP F . -8.54 -2.20 1.84
O1B DTP F . -8.90 -1.91 3.24
O2B DTP F . -9.39 -1.70 0.74
O3B DTP F . -7.03 -1.75 1.60
PA DTP F . -9.03 -5.17 2.06
O1A DTP F . -9.28 -5.23 3.53
O2A DTP F . -8.24 -6.28 1.45
O3A DTP F . -8.31 -3.79 1.69
O5' DTP F . -10.44 -5.05 1.30
C5' DTP F . -11.43 -4.12 1.82
C4' DTP F . -12.77 -4.80 1.90
O4' DTP F . -13.21 -5.21 0.59
C3' DTP F . -12.83 -6.07 2.73
O3' DTP F . -12.86 -5.79 4.12
C2' DTP F . -14.13 -6.66 2.20
C1' DTP F . -14.03 -6.37 0.71
N9 DTP F . -13.42 -7.43 -0.08
C8 DTP F . -12.09 -7.59 -0.38
N7 DTP F . -11.85 -8.66 -1.08
C5 DTP F . -13.10 -9.24 -1.27
C6 DTP F . -13.52 -10.41 -1.93
N6 DTP F . -12.68 -11.24 -2.55
N1 DTP F . -14.84 -10.71 -1.91
C2 DTP F . -15.67 -9.86 -1.29
N3 DTP F . -15.40 -8.74 -0.63
C4 DTP F . -14.07 -8.48 -0.65
ZN ZN G . -6.92 44.30 16.64
ZN ZN H . -14.45 -10.14 -14.26
PG ATP I . -15.34 -14.97 -16.54
O1G ATP I . -15.77 -13.65 -17.15
O2G ATP I . -13.84 -15.10 -16.36
O3G ATP I . -16.11 -15.34 -15.29
PB ATP I . -15.33 -17.58 -17.98
O1B ATP I . -16.16 -18.01 -19.12
O2B ATP I . -13.84 -17.55 -18.13
O3B ATP I . -15.82 -16.13 -17.55
PA ATP I . -15.29 -18.57 -15.17
O1A ATP I . -16.23 -19.50 -14.50
O2A ATP I . -15.08 -17.22 -14.58
O3A ATP I . -15.72 -18.46 -16.70
O5' ATP I . -13.89 -19.32 -15.25
C5' ATP I . -13.65 -20.41 -14.33
C4' ATP I . -12.19 -20.50 -14.00
O4' ATP I . -11.40 -20.34 -15.19
C3' ATP I . -11.68 -19.44 -13.00
O3' ATP I . -10.75 -20.05 -12.12
C2' ATP I . -10.98 -18.43 -13.91
O2' ATP I . -9.98 -17.69 -13.23
C1' ATP I . -10.38 -19.39 -14.94
N9 ATP I . -9.96 -18.78 -16.19
C8 ATP I . -10.69 -18.01 -17.05
N7 ATP I . -10.04 -17.62 -18.12
C5 ATP I . -8.79 -18.20 -17.96
C6 ATP I . -7.63 -18.20 -18.78
N6 ATP I . -7.56 -17.58 -19.96
N1 ATP I . -6.56 -18.90 -18.35
C2 ATP I . -6.65 -19.55 -17.18
N3 ATP I . -7.67 -19.61 -16.33
C4 ATP I . -8.72 -18.90 -16.78
PG DTP J . -12.01 -12.91 -17.16
O1G DTP J . -12.97 -12.05 -16.36
O2G DTP J . -12.72 -13.90 -18.06
O3G DTP J . -10.96 -12.11 -17.87
PB DTP J . -11.59 -14.82 -14.94
O1B DTP J . -12.40 -15.94 -15.50
O2B DTP J . -10.39 -15.11 -14.11
O3B DTP J . -11.16 -13.83 -16.13
PA DTP J . -13.77 -13.88 -13.10
O1A DTP J . -14.82 -14.82 -13.58
O2A DTP J . -14.18 -12.47 -12.80
O3A DTP J . -12.56 -13.81 -14.16
O5' DTP J . -13.06 -14.53 -11.82
C5' DTP J . -12.73 -15.94 -11.89
C4' DTP J . -13.17 -16.64 -10.63
O4' DTP J . -12.48 -16.09 -9.50
C3' DTP J . -14.65 -16.50 -10.28
O3' DTP J . -15.48 -17.36 -11.05
C2' DTP J . -14.59 -16.91 -8.81
C1' DTP J . -13.33 -16.17 -8.36
N9 DTP J . -13.57 -14.82 -7.86
C8 DTP J . -13.58 -13.64 -8.57
N7 DTP J . -13.87 -12.60 -7.82
C5 DTP J . -14.05 -13.13 -6.55
C6 DTP J . -14.37 -12.53 -5.31
N6 DTP J . -14.57 -11.23 -5.15
N1 DTP J . -14.47 -13.35 -4.23
C2 DTP J . -14.23 -14.66 -4.40
N3 DTP J . -13.95 -15.33 -5.51
C4 DTP J . -13.86 -14.50 -6.57
ZN ZN K . 30.09 -14.07 -15.77
ZN ZN L . -6.27 -6.74 0.27
PG ATP M . 5.28 0.17 3.03
O1G ATP M . 3.96 0.90 3.08
O2G ATP M . 6.10 0.48 1.78
O3G ATP M . 6.09 0.34 4.30
PB ATP M . 5.61 -2.82 2.50
O1B ATP M . 6.12 -2.66 1.13
O2B ATP M . 4.69 -3.92 2.80
O3B ATP M . 4.96 -1.45 3.01
PA ATP M . 8.21 -2.22 3.81
O1A ATP M . 8.81 -2.86 5.00
O2A ATP M . 8.02 -0.76 3.81
O3A ATP M . 6.84 -2.98 3.51
O5' ATP M . 9.13 -2.62 2.56
C5' ATP M . 10.48 -3.03 2.83
C4' ATP M . 11.36 -2.63 1.67
O4' ATP M . 10.70 -2.94 0.43
C3' ATP M . 11.72 -1.14 1.61
O3' ATP M . 13.08 -0.99 1.24
C2' ATP M . 10.80 -0.63 0.51
O2' ATP M . 11.31 0.55 -0.13
C1' ATP M . 10.79 -1.82 -0.42
N9 ATP M . 9.72 -1.88 -1.40
C8 ATP M . 8.37 -1.79 -1.18
N7 ATP M . 7.64 -1.90 -2.26
C5 ATP M . 8.58 -2.09 -3.27
C6 ATP M . 8.46 -2.30 -4.66
N6 ATP M . 7.31 -2.36 -5.31
N1 ATP M . 9.60 -2.46 -5.36
C2 ATP M . 10.78 -2.42 -4.73
N3 ATP M . 11.01 -2.23 -3.43
C4 ATP M . 9.86 -2.07 -2.74
PG DTP N . 4.89 2.18 -0.53
O1G DTP N . 3.88 1.22 -1.11
O2G DTP N . 5.42 3.16 -1.54
O3G DTP N . 4.41 2.86 0.74
PB DTP N . 7.56 1.55 0.54
O1B DTP N . 7.95 0.29 1.22
O2B DTP N . 8.47 2.19 -0.47
O3B DTP N . 6.14 1.26 -0.11
PA DTP N . 7.75 3.09 3.07
O1A DTP N . 7.48 2.03 4.09
O2A DTP N . 7.23 4.47 3.33
O3A DTP N . 7.17 2.64 1.65
O5' DTP N . 9.33 3.16 2.81
C5' DTP N . 10.12 1.95 2.80
C4' DTP N . 11.14 1.96 3.90
O4' DTP N . 11.94 3.16 3.83
C3' DTP N . 10.61 1.94 5.33
O3' DTP N . 10.13 0.67 5.75
C2' DTP N . 11.88 2.36 6.06
C1' DTP N . 12.40 3.47 5.15
N9 DTP N . 11.91 4.80 5.52
C8 DTP N . 10.70 5.38 5.22
N7 DTP N . 10.56 6.56 5.76
C5 DTP N . 11.75 6.78 6.46
C6 DTP N . 12.20 7.85 7.26
N6 DTP N . 11.50 8.95 7.50
N1 DTP N . 13.42 7.71 7.84
C2 DTP N . 14.13 6.61 7.59
N3 DTP N . 13.80 5.54 6.86
C4 DTP N . 12.59 5.70 6.32
ZN ZN O . 6.40 -40.86 -21.51
ZN ZN P . 16.23 16.80 1.39
PG ATP Q . 17.51 21.69 4.98
O1G ATP Q . 18.28 21.46 3.70
O2G ATP Q . 16.02 21.89 4.79
O3G ATP Q . 17.82 20.66 6.06
PB ATP Q . 17.61 24.28 6.53
O1B ATP Q . 18.66 25.30 6.60
O2B ATP Q . 16.26 24.65 6.04
O3B ATP Q . 18.14 23.06 5.63
PA ATP Q . 16.65 22.45 8.68
O1A ATP Q . 17.24 22.22 10.02
O2A ATP Q . 16.43 21.30 7.77
O3A ATP Q . 17.50 23.59 7.96
O5' ATP Q . 15.25 23.17 8.92
C5' ATP Q . 14.64 23.06 10.22
C4' ATP Q . 13.13 23.09 10.05
O4' ATP Q . 12.77 24.16 9.15
C3' ATP Q . 12.50 21.82 9.49
O3' ATP Q . 11.28 21.56 10.19
C2' ATP Q . 12.22 22.20 8.03
O2' ATP Q . 11.17 21.43 7.46
C1' ATP Q . 11.85 23.66 8.22
N9 ATP Q . 11.90 24.49 7.02
C8 ATP Q . 12.93 24.63 6.13
N7 ATP Q . 12.69 25.46 5.15
C5 ATP Q . 11.40 25.90 5.42
C6 ATP Q . 10.56 26.81 4.74
N6 ATP Q . 10.90 27.46 3.62
N1 ATP Q . 9.33 27.03 5.27
C2 ATP Q . 8.99 26.39 6.39
N3 ATP Q . 9.70 25.51 7.10
C4 ATP Q . 10.90 25.31 6.55
PG DTP R . 15.05 21.65 2.24
O1G DTP R . 14.59 21.74 0.80
O2G DTP R . 15.93 20.44 2.49
O3G DTP R . 15.66 22.93 2.75
PB DTP R . 13.59 20.97 4.64
O1B DTP R . 14.46 21.82 5.51
O2B DTP R . 12.15 20.76 4.98
O3B DTP R . 13.71 21.47 3.13
PA DTP R . 15.10 18.41 5.20
O1A DTP R . 16.36 18.97 5.75
O2A DTP R . 15.19 17.24 4.26
O3A DTP R . 14.28 19.54 4.43
O5' DTP R . 14.12 18.02 6.41
C5' DTP R . 13.92 18.95 7.48
C4' DTP R . 13.72 18.16 8.76
O4' DTP R . 12.78 17.09 8.54
C3' DTP R . 14.97 17.46 9.26
O3' DTP R . 15.85 18.37 9.90
C2' DTP R . 14.33 16.45 10.21
C1' DTP R . 13.15 15.99 9.36
N9 DTP R . 13.45 14.83 8.52
C8 DTP R . 13.96 14.81 7.24
N7 DTP R . 14.18 13.60 6.81
C5 DTP R . 13.82 12.77 7.86
C6 DTP R . 13.84 11.37 8.01
N6 DTP R . 14.27 10.53 7.09
N1 DTP R . 13.42 10.88 9.21
C2 DTP R . 12.98 11.74 10.14
N3 DTP R . 12.93 13.07 10.10
C4 DTP R . 13.37 13.52 8.92
ZN ZN S . -26.22 21.58 -5.25
ZN ZN T . 4.85 5.51 2.77
ZN ZN U . 26.63 16.19 15.48
#